data_6DTL
#
_entry.id   6DTL
#
_cell.length_a   151.589
_cell.length_b   151.589
_cell.length_c   85.991
_cell.angle_alpha   90.00
_cell.angle_beta   90.00
_cell.angle_gamma   120.00
#
_symmetry.space_group_name_H-M   'P 31 2 1'
#
loop_
_entity.id
_entity.type
_entity.pdbx_description
1 polymer 'Mitogen-activated protein kinase 6'
2 water water
#
_entity_poly.entity_id   1
_entity_poly.type   'polypeptide(L)'
_entity_poly.pdbx_seq_one_letter_code
;GIENIPATLSHGGRFIQYNIFGNIFEVTAKYKPPIMPIGKGAYGIVCSAMNSETNESVAIKKIANAFDNKIDAKRTLREI
KLLRHMDHENIVAIRDIIPPPLRNAFNDVYIAYELMDTDLHQIIRSNQALSEEHCQYFLYQILRGLKYIHSANVLHRDLK
PSNLLLNANCDLKICDFGLARVTSESDFMTEYVVTRWYRAPELLLNSSDYTAAIDVWSVGCIFMELMDRKPLFPGRDHVH
QLRLLMELIGTPSEEELEFLNENAKRYIRQLPPYPRQSITDKFPTVHPLAIDLIEKMLTFDPRRRITVLDALAHPYLNSL
HDISDEPECTIPFNFDFENHALSEEQMKELIYREALAFNPEYQQ
;
_entity_poly.pdbx_strand_id   A,B
#
# COMPACT_ATOMS: atom_id res chain seq x y z
N GLY A 1 -6.02 -27.38 -2.39
CA GLY A 1 -5.50 -26.71 -3.56
C GLY A 1 -4.04 -27.03 -3.81
N ILE A 2 -3.70 -28.32 -3.72
CA ILE A 2 -2.32 -28.76 -3.93
C ILE A 2 -2.00 -28.71 -5.42
N GLU A 3 -0.70 -28.59 -5.73
CA GLU A 3 -0.12 -28.34 -7.06
C GLU A 3 -0.59 -27.04 -7.69
N ASN A 4 -1.40 -26.24 -6.99
CA ASN A 4 -1.72 -24.89 -7.46
C ASN A 4 -0.54 -23.97 -7.31
N ILE A 5 0.30 -24.20 -6.30
CA ILE A 5 1.54 -23.46 -6.05
C ILE A 5 2.70 -24.43 -6.24
N PRO A 6 3.64 -24.15 -7.13
CA PRO A 6 4.72 -25.11 -7.39
C PRO A 6 5.63 -25.25 -6.18
N ALA A 7 5.94 -26.50 -5.83
CA ALA A 7 6.69 -26.83 -4.64
C ALA A 7 7.85 -27.74 -5.02
N THR A 8 9.08 -27.27 -4.80
CA THR A 8 10.28 -27.99 -5.21
C THR A 8 11.09 -28.38 -3.97
N LEU A 9 11.46 -29.65 -3.89
CA LEU A 9 12.32 -30.11 -2.79
C LEU A 9 13.74 -29.61 -2.99
N SER A 10 14.29 -28.96 -1.96
CA SER A 10 15.61 -28.35 -2.04
C SER A 10 16.46 -28.75 -0.85
N HIS A 11 17.78 -28.64 -1.05
CA HIS A 11 18.80 -28.92 -0.04
C HIS A 11 18.67 -30.36 0.48
N GLY A 12 18.84 -31.30 -0.45
CA GLY A 12 18.77 -32.70 -0.07
C GLY A 12 17.42 -33.13 0.43
N GLY A 13 16.36 -32.43 0.04
CA GLY A 13 15.02 -32.76 0.48
C GLY A 13 14.67 -32.29 1.87
N ARG A 14 15.53 -31.53 2.54
CA ARG A 14 15.19 -31.05 3.87
C ARG A 14 14.38 -29.76 3.84
N PHE A 15 14.26 -29.12 2.67
CA PHE A 15 13.46 -27.92 2.54
C PHE A 15 12.55 -28.03 1.32
N ILE A 16 11.57 -27.15 1.26
CA ILE A 16 10.66 -27.02 0.12
C ILE A 16 10.57 -25.54 -0.23
N GLN A 17 10.86 -25.23 -1.49
CA GLN A 17 10.68 -23.89 -2.01
C GLN A 17 9.32 -23.80 -2.69
N TYR A 18 8.53 -22.80 -2.31
CA TYR A 18 7.22 -22.54 -2.87
C TYR A 18 7.28 -21.26 -3.66
N ASN A 19 6.97 -21.32 -4.95
CA ASN A 19 6.90 -20.11 -5.74
C ASN A 19 5.57 -19.43 -5.50
N ILE A 20 5.60 -18.16 -5.12
CA ILE A 20 4.40 -17.37 -4.86
C ILE A 20 4.55 -16.07 -5.64
N PHE A 21 4.13 -16.10 -6.91
CA PHE A 21 4.20 -14.95 -7.81
C PHE A 21 5.61 -14.38 -7.86
N GLY A 22 6.57 -15.27 -8.10
CA GLY A 22 7.97 -14.88 -8.15
C GLY A 22 8.62 -14.69 -6.79
N ASN A 23 7.91 -14.96 -5.71
CA ASN A 23 8.46 -14.84 -4.36
C ASN A 23 8.76 -16.25 -3.86
N ILE A 24 10.05 -16.57 -3.71
CA ILE A 24 10.46 -17.89 -3.26
C ILE A 24 10.24 -17.96 -1.74
N PHE A 25 9.46 -18.95 -1.31
CA PHE A 25 9.03 -19.11 0.08
C PHE A 25 9.54 -20.48 0.51
N GLU A 26 10.70 -20.49 1.14
CA GLU A 26 11.40 -21.73 1.45
C GLU A 26 11.20 -22.07 2.92
N VAL A 27 10.68 -23.27 3.20
CA VAL A 27 10.44 -23.70 4.57
C VAL A 27 10.94 -25.14 4.71
N THR A 28 10.94 -25.63 5.95
CA THR A 28 11.43 -26.99 6.18
C THR A 28 10.47 -28.02 5.59
N ALA A 29 11.03 -29.21 5.32
CA ALA A 29 10.32 -30.25 4.58
C ALA A 29 9.05 -30.72 5.29
N LYS A 30 8.99 -30.59 6.62
CA LYS A 30 7.82 -31.10 7.33
C LYS A 30 6.54 -30.36 6.94
N TYR A 31 6.66 -29.14 6.41
CA TYR A 31 5.49 -28.37 5.98
C TYR A 31 5.16 -28.72 4.52
N LYS A 32 4.66 -29.94 4.34
CA LYS A 32 4.33 -30.42 3.01
C LYS A 32 3.16 -29.63 2.42
N PRO A 33 3.10 -29.51 1.08
CA PRO A 33 2.02 -28.79 0.40
C PRO A 33 0.64 -29.33 0.76
N PRO A 34 -0.42 -28.52 0.58
CA PRO A 34 -0.43 -27.15 0.06
C PRO A 34 -0.25 -26.09 1.14
N ILE A 35 0.14 -24.90 0.72
CA ILE A 35 0.16 -23.73 1.60
C ILE A 35 -0.77 -22.68 1.01
N MET A 36 -1.30 -21.83 1.88
CA MET A 36 -2.27 -20.82 1.47
C MET A 36 -1.79 -19.44 1.88
N PRO A 37 -1.35 -18.60 0.95
CA PRO A 37 -1.01 -17.21 1.31
C PRO A 37 -2.21 -16.52 1.94
N ILE A 38 -1.97 -15.90 3.09
CA ILE A 38 -3.03 -15.26 3.85
C ILE A 38 -2.76 -13.79 4.15
N GLY A 39 -1.53 -13.33 4.03
CA GLY A 39 -1.24 -11.93 4.35
C GLY A 39 -0.06 -11.41 3.55
N LYS A 40 -0.08 -10.10 3.31
CA LYS A 40 1.02 -9.39 2.68
C LYS A 40 1.36 -8.16 3.51
N GLY A 41 2.49 -7.54 3.22
CA GLY A 41 2.89 -6.36 3.96
C GLY A 41 4.36 -6.06 3.77
N ALA A 42 4.85 -5.16 4.64
CA ALA A 42 6.22 -4.68 4.52
C ALA A 42 7.22 -5.74 4.98
N TYR A 43 6.86 -6.52 5.99
CA TYR A 43 7.71 -7.60 6.49
C TYR A 43 8.03 -8.61 5.40
N GLY A 44 7.08 -8.86 4.51
CA GLY A 44 7.14 -9.96 3.56
C GLY A 44 5.75 -10.49 3.31
N ILE A 45 5.57 -11.81 3.40
CA ILE A 45 4.26 -12.42 3.23
C ILE A 45 4.03 -13.40 4.37
N VAL A 46 2.78 -13.85 4.49
CA VAL A 46 2.35 -14.82 5.50
C VAL A 46 1.53 -15.88 4.81
N CYS A 47 1.92 -17.14 4.98
CA CYS A 47 1.20 -18.29 4.45
C CYS A 47 0.70 -19.17 5.58
N SER A 48 -0.36 -19.92 5.32
CA SER A 48 -0.77 -20.95 6.27
C SER A 48 -0.15 -22.27 5.83
N ALA A 49 0.14 -23.13 6.81
CA ALA A 49 0.79 -24.39 6.49
C ALA A 49 0.45 -25.41 7.56
N MET A 50 0.68 -26.67 7.24
CA MET A 50 0.43 -27.77 8.15
C MET A 50 1.75 -28.46 8.47
N ASN A 51 2.00 -28.70 9.75
CA ASN A 51 3.13 -29.51 10.18
C ASN A 51 2.73 -30.97 10.09
N SER A 52 3.30 -31.68 9.10
CA SER A 52 2.95 -33.08 8.92
C SER A 52 3.40 -33.96 10.08
N GLU A 53 4.35 -33.50 10.90
CA GLU A 53 4.80 -34.31 12.03
C GLU A 53 3.90 -34.14 13.25
N THR A 54 3.25 -32.98 13.40
CA THR A 54 2.41 -32.72 14.56
C THR A 54 0.94 -32.49 14.21
N ASN A 55 0.58 -32.57 12.93
CA ASN A 55 -0.81 -32.39 12.48
C ASN A 55 -1.40 -31.07 12.97
N GLU A 56 -0.55 -30.05 13.07
CA GLU A 56 -0.93 -28.76 13.62
C GLU A 56 -0.71 -27.67 12.58
N SER A 57 -1.65 -26.74 12.49
CA SER A 57 -1.65 -25.71 11.46
C SER A 57 -1.05 -24.42 12.00
N VAL A 58 -0.12 -23.84 11.23
CA VAL A 58 0.60 -22.63 11.63
C VAL A 58 0.45 -21.57 10.54
N ALA A 59 0.88 -20.37 10.88
CA ALA A 59 0.98 -19.25 9.95
C ALA A 59 2.45 -18.83 9.90
N ILE A 60 3.10 -19.05 8.76
CA ILE A 60 4.52 -18.74 8.60
C ILE A 60 4.64 -17.37 7.95
N LYS A 61 5.16 -16.42 8.71
CA LYS A 61 5.55 -15.10 8.23
C LYS A 61 7.01 -15.11 7.81
N LYS A 62 7.29 -14.49 6.67
CA LYS A 62 8.63 -14.42 6.11
C LYS A 62 9.12 -12.99 6.14
N ILE A 63 10.05 -12.69 7.04
CA ILE A 63 10.74 -11.40 7.06
C ILE A 63 11.94 -11.51 6.14
N ALA A 64 11.86 -10.89 4.96
CA ALA A 64 12.92 -11.01 3.98
C ALA A 64 14.02 -9.99 4.23
N ASN A 65 15.27 -10.44 4.08
CA ASN A 65 16.44 -9.60 4.33
C ASN A 65 16.36 -8.95 5.70
N ALA A 66 16.10 -9.78 6.71
CA ALA A 66 15.83 -9.29 8.05
C ALA A 66 17.05 -8.67 8.71
N PHE A 67 18.25 -8.93 8.22
CA PHE A 67 19.46 -8.49 8.90
C PHE A 67 20.19 -7.35 8.17
N ASP A 68 19.57 -6.73 7.17
CA ASP A 68 20.27 -5.70 6.42
C ASP A 68 20.43 -4.42 7.23
N ASN A 69 19.31 -3.82 7.63
CA ASN A 69 19.34 -2.67 8.52
C ASN A 69 19.29 -3.18 9.96
N LYS A 70 20.33 -2.85 10.74
CA LYS A 70 20.46 -3.42 12.08
C LYS A 70 19.25 -3.08 12.97
N ILE A 71 18.55 -2.00 12.67
CA ILE A 71 17.35 -1.66 13.44
C ILE A 71 16.30 -2.74 13.26
N ASP A 72 16.02 -3.12 12.02
CA ASP A 72 15.04 -4.18 11.75
C ASP A 72 15.48 -5.51 12.32
N ALA A 73 16.79 -5.79 12.32
CA ALA A 73 17.27 -7.01 12.97
C ALA A 73 16.96 -6.98 14.45
N LYS A 74 17.17 -5.83 15.10
CA LYS A 74 16.85 -5.72 16.52
C LYS A 74 15.36 -5.86 16.78
N ARG A 75 14.52 -5.35 15.88
CA ARG A 75 13.07 -5.52 16.07
C ARG A 75 12.66 -6.98 15.88
N THR A 76 13.35 -7.72 15.00
CA THR A 76 13.04 -9.13 14.81
C THR A 76 13.44 -9.95 16.02
N LEU A 77 14.72 -9.82 16.44
CA LEU A 77 15.17 -10.54 17.63
C LEU A 77 14.31 -10.19 18.83
N ARG A 78 13.98 -8.91 18.98
CA ARG A 78 13.12 -8.47 20.06
C ARG A 78 11.76 -9.15 19.98
N GLU A 79 11.19 -9.24 18.78
CA GLU A 79 9.92 -9.93 18.59
C GLU A 79 9.99 -11.38 19.03
N ILE A 80 11.01 -12.11 18.56
CA ILE A 80 11.15 -13.53 18.90
C ILE A 80 11.32 -13.70 20.42
N LYS A 81 12.27 -12.98 21.02
CA LYS A 81 12.53 -13.19 22.44
C LYS A 81 11.34 -12.80 23.29
N LEU A 82 10.69 -11.69 22.95
CA LEU A 82 9.53 -11.24 23.71
C LEU A 82 8.38 -12.25 23.62
N LEU A 83 8.07 -12.71 22.40
CA LEU A 83 6.96 -13.65 22.23
C LEU A 83 7.27 -15.03 22.80
N ARG A 84 8.55 -15.42 22.82
CA ARG A 84 8.92 -16.71 23.42
C ARG A 84 8.90 -16.66 24.94
N HIS A 85 9.19 -15.49 25.53
CA HIS A 85 9.24 -15.38 26.98
C HIS A 85 7.88 -15.54 27.63
N MET A 86 6.79 -15.31 26.89
CA MET A 86 5.48 -15.18 27.49
C MET A 86 4.58 -16.36 27.11
N ASP A 87 3.74 -16.77 28.05
CA ASP A 87 2.78 -17.85 27.84
C ASP A 87 1.44 -17.38 28.40
N HIS A 88 0.51 -17.05 27.51
CA HIS A 88 -0.76 -16.44 27.89
C HIS A 88 -1.77 -16.63 26.76
N GLU A 89 -3.03 -16.81 27.13
CA GLU A 89 -4.06 -17.14 26.15
C GLU A 89 -4.42 -15.95 25.26
N ASN A 90 -4.12 -14.72 25.68
CA ASN A 90 -4.36 -13.54 24.87
C ASN A 90 -3.09 -12.99 24.25
N ILE A 91 -2.04 -13.81 24.15
CA ILE A 91 -0.80 -13.46 23.46
C ILE A 91 -0.54 -14.51 22.40
N VAL A 92 -0.21 -14.05 21.19
CA VAL A 92 0.03 -14.99 20.11
C VAL A 92 1.31 -15.77 20.41
N ALA A 93 1.29 -17.07 20.16
CA ALA A 93 2.40 -17.95 20.49
C ALA A 93 3.23 -18.26 19.25
N ILE A 94 4.54 -18.34 19.44
CA ILE A 94 5.42 -18.85 18.39
C ILE A 94 5.43 -20.37 18.45
N ARG A 95 5.15 -21.00 17.31
CA ARG A 95 5.17 -22.45 17.17
C ARG A 95 6.42 -22.98 16.50
N ASP A 96 7.19 -22.13 15.81
CA ASP A 96 8.40 -22.60 15.14
C ASP A 96 9.23 -21.43 14.65
N ILE A 97 10.55 -21.62 14.65
CA ILE A 97 11.50 -20.75 13.96
C ILE A 97 12.24 -21.63 12.96
N ILE A 98 12.13 -21.29 11.69
CA ILE A 98 12.73 -22.13 10.65
C ILE A 98 14.24 -21.94 10.65
N PRO A 99 15.03 -23.01 10.68
CA PRO A 99 16.47 -22.86 10.50
C PRO A 99 16.80 -22.45 9.07
N PRO A 100 17.88 -21.72 8.87
CA PRO A 100 18.34 -21.45 7.49
C PRO A 100 19.00 -22.69 6.90
N PRO A 101 18.73 -22.99 5.63
CA PRO A 101 19.43 -24.12 5.00
C PRO A 101 20.95 -23.96 5.09
N LEU A 102 21.46 -22.77 4.84
CA LEU A 102 22.89 -22.50 4.97
C LEU A 102 23.08 -21.35 5.94
N ARG A 103 23.83 -21.61 7.01
CA ARG A 103 24.04 -20.59 8.02
C ARG A 103 24.79 -19.37 7.47
N ASN A 104 25.74 -19.57 6.58
CA ASN A 104 26.46 -18.46 5.97
C ASN A 104 25.53 -17.56 5.18
N ALA A 105 24.54 -18.16 4.51
CA ALA A 105 23.55 -17.44 3.71
C ALA A 105 22.21 -17.47 4.44
N PHE A 106 22.08 -16.60 5.44
CA PHE A 106 20.92 -16.55 6.34
C PHE A 106 20.39 -15.13 6.28
N ASN A 107 19.54 -14.85 5.28
CA ASN A 107 19.02 -13.51 5.04
C ASN A 107 17.55 -13.38 5.40
N ASP A 108 16.75 -14.39 5.11
CA ASP A 108 15.33 -14.37 5.41
C ASP A 108 15.09 -15.12 6.72
N VAL A 109 14.17 -14.59 7.53
CA VAL A 109 13.75 -15.25 8.76
C VAL A 109 12.28 -15.64 8.62
N TYR A 110 11.98 -16.92 8.77
CA TYR A 110 10.60 -17.41 8.76
C TYR A 110 10.19 -17.77 10.19
N ILE A 111 9.22 -17.03 10.73
CA ILE A 111 8.61 -17.35 12.02
C ILE A 111 7.28 -18.03 11.77
N ALA A 112 6.96 -19.03 12.57
CA ALA A 112 5.68 -19.73 12.47
C ALA A 112 4.89 -19.44 13.74
N TYR A 113 3.71 -18.85 13.60
CA TYR A 113 2.81 -18.56 14.70
C TYR A 113 1.66 -19.54 14.71
N GLU A 114 0.93 -19.57 15.83
CA GLU A 114 -0.30 -20.33 15.84
C GLU A 114 -1.29 -19.65 14.90
N LEU A 115 -2.11 -20.46 14.23
CA LEU A 115 -2.92 -19.94 13.12
C LEU A 115 -4.21 -19.32 13.66
N MET A 116 -4.50 -18.11 13.20
CA MET A 116 -5.71 -17.40 13.57
C MET A 116 -6.57 -17.15 12.33
N ASP A 117 -7.87 -17.00 12.54
CA ASP A 117 -8.78 -16.91 11.40
C ASP A 117 -8.79 -15.51 10.79
N THR A 118 -8.78 -14.47 11.60
CA THR A 118 -8.86 -13.10 11.11
C THR A 118 -8.31 -12.18 12.19
N ASP A 119 -8.55 -10.88 12.04
CA ASP A 119 -8.19 -9.90 13.05
C ASP A 119 -9.31 -8.87 13.15
N LEU A 120 -9.25 -8.03 14.19
CA LEU A 120 -10.34 -7.11 14.44
C LEU A 120 -10.49 -6.07 13.33
N HIS A 121 -9.37 -5.69 12.71
CA HIS A 121 -9.43 -4.75 11.59
C HIS A 121 -10.29 -5.31 10.46
N GLN A 122 -10.08 -6.59 10.12
CA GLN A 122 -10.90 -7.21 9.07
C GLN A 122 -12.37 -7.29 9.51
N ILE A 123 -12.61 -7.60 10.78
CA ILE A 123 -13.97 -7.64 11.31
C ILE A 123 -14.66 -6.30 11.10
N ILE A 124 -13.96 -5.19 11.39
CA ILE A 124 -14.52 -3.87 11.16
C ILE A 124 -14.77 -3.65 9.67
N ARG A 125 -13.75 -3.89 8.84
CA ARG A 125 -13.86 -3.62 7.41
C ARG A 125 -15.02 -4.38 6.79
N SER A 126 -15.22 -5.64 7.19
CA SER A 126 -16.26 -6.45 6.56
C SER A 126 -17.66 -6.04 6.98
N ASN A 127 -17.79 -5.10 7.93
CA ASN A 127 -19.08 -4.54 8.33
C ASN A 127 -20.04 -5.63 8.79
N GLN A 128 -19.55 -6.53 9.63
CA GLN A 128 -20.39 -7.64 10.12
C GLN A 128 -20.75 -7.43 11.58
N ALA A 129 -21.97 -7.84 11.92
CA ALA A 129 -22.58 -7.52 13.20
C ALA A 129 -22.09 -8.48 14.29
N LEU A 130 -21.99 -7.95 15.51
CA LEU A 130 -21.54 -8.70 16.66
C LEU A 130 -22.49 -8.46 17.83
N SER A 131 -22.87 -9.55 18.50
CA SER A 131 -23.63 -9.43 19.73
C SER A 131 -22.83 -8.62 20.75
N GLU A 132 -23.54 -8.05 21.72
CA GLU A 132 -22.83 -7.29 22.74
C GLU A 132 -21.96 -8.18 23.59
N GLU A 133 -22.37 -9.44 23.79
CA GLU A 133 -21.54 -10.38 24.52
C GLU A 133 -20.21 -10.60 23.82
N HIS A 134 -20.21 -10.56 22.48
CA HIS A 134 -18.97 -10.71 21.74
C HIS A 134 -18.04 -9.52 21.95
N CYS A 135 -18.56 -8.30 21.81
CA CYS A 135 -17.75 -7.11 22.09
C CYS A 135 -17.20 -7.14 23.50
N GLN A 136 -18.06 -7.51 24.46
CA GLN A 136 -17.62 -7.69 25.84
C GLN A 136 -16.43 -8.65 25.89
N TYR A 137 -16.57 -9.82 25.28
CA TYR A 137 -15.50 -10.82 25.30
C TYR A 137 -14.21 -10.25 24.69
N PHE A 138 -14.31 -9.52 23.58
CA PHE A 138 -13.12 -8.97 22.93
C PHE A 138 -12.40 -8.02 23.87
N LEU A 139 -13.11 -7.00 24.37
CA LEU A 139 -12.48 -6.04 25.26
C LEU A 139 -11.87 -6.73 26.48
N TYR A 140 -12.60 -7.67 27.08
CA TYR A 140 -12.09 -8.39 28.24
C TYR A 140 -10.78 -9.11 27.92
N GLN A 141 -10.69 -9.72 26.73
CA GLN A 141 -9.46 -10.46 26.41
C GLN A 141 -8.30 -9.51 26.13
N ILE A 142 -8.58 -8.36 25.49
CA ILE A 142 -7.54 -7.36 25.29
C ILE A 142 -6.96 -6.91 26.63
N LEU A 143 -7.84 -6.53 27.58
CA LEU A 143 -7.35 -6.06 28.87
C LEU A 143 -6.68 -7.19 29.64
N ARG A 144 -7.21 -8.41 29.53
CA ARG A 144 -6.62 -9.55 30.22
C ARG A 144 -5.21 -9.83 29.72
N GLY A 145 -4.96 -9.65 28.42
CA GLY A 145 -3.61 -9.79 27.90
C GLY A 145 -2.70 -8.63 28.26
N LEU A 146 -3.24 -7.41 28.23
CA LEU A 146 -2.46 -6.25 28.61
C LEU A 146 -1.98 -6.35 30.06
N LYS A 147 -2.80 -6.92 30.94
CA LYS A 147 -2.39 -7.09 32.33
C LYS A 147 -1.13 -7.93 32.43
N TYR A 148 -1.06 -9.00 31.65
CA TYR A 148 0.13 -9.86 31.64
C TYR A 148 1.33 -9.13 31.04
N ILE A 149 1.15 -8.55 29.84
CA ILE A 149 2.26 -7.86 29.19
C ILE A 149 2.86 -6.83 30.12
N HIS A 150 2.03 -5.95 30.67
CA HIS A 150 2.53 -4.94 31.60
C HIS A 150 3.15 -5.58 32.83
N SER A 151 2.56 -6.66 33.33
CA SER A 151 3.13 -7.34 34.49
C SER A 151 4.53 -7.87 34.21
N ALA A 152 4.89 -8.05 32.94
CA ALA A 152 6.26 -8.39 32.59
C ALA A 152 7.12 -7.16 32.31
N ASN A 153 6.68 -5.98 32.74
CA ASN A 153 7.42 -4.72 32.55
C ASN A 153 7.59 -4.39 31.07
N VAL A 154 6.65 -4.85 30.25
CA VAL A 154 6.67 -4.62 28.81
C VAL A 154 5.42 -3.81 28.45
N LEU A 155 5.60 -2.78 27.63
CA LEU A 155 4.52 -1.95 27.11
C LEU A 155 4.43 -2.16 25.61
N HIS A 156 3.29 -2.66 25.15
CA HIS A 156 3.06 -2.87 23.72
C HIS A 156 2.77 -1.51 23.09
N ARG A 157 3.75 -0.93 22.40
CA ARG A 157 3.65 0.49 22.12
C ARG A 157 2.84 0.83 20.88
N ASP A 158 2.29 -0.17 20.16
CA ASP A 158 1.54 0.07 18.93
C ASP A 158 0.36 -0.89 18.86
N LEU A 159 -0.66 -0.62 19.67
CA LEU A 159 -1.91 -1.38 19.59
C LEU A 159 -2.78 -0.84 18.47
N LYS A 160 -3.31 -1.74 17.66
CA LYS A 160 -4.17 -1.43 16.53
C LYS A 160 -5.21 -2.55 16.42
N PRO A 161 -6.30 -2.31 15.71
CA PRO A 161 -7.22 -3.42 15.42
C PRO A 161 -6.55 -4.56 14.67
N SER A 162 -5.65 -4.25 13.73
CA SER A 162 -4.94 -5.30 13.00
C SER A 162 -3.94 -6.06 13.88
N ASN A 163 -3.70 -5.58 15.11
CA ASN A 163 -2.85 -6.24 16.08
C ASN A 163 -3.60 -7.23 16.96
N LEU A 164 -4.91 -7.35 16.80
CA LEU A 164 -5.74 -8.23 17.63
C LEU A 164 -6.31 -9.30 16.72
N LEU A 165 -5.73 -10.49 16.78
CA LEU A 165 -6.15 -11.61 15.96
C LEU A 165 -7.30 -12.35 16.64
N LEU A 166 -8.23 -12.85 15.83
CA LEU A 166 -9.45 -13.50 16.32
C LEU A 166 -9.58 -14.90 15.73
N ASN A 167 -10.47 -15.68 16.34
CA ASN A 167 -10.85 -17.00 15.87
C ASN A 167 -12.36 -17.07 15.78
N ALA A 168 -12.85 -18.12 15.09
CA ALA A 168 -14.28 -18.40 15.11
C ALA A 168 -14.79 -18.59 16.53
N ASN A 169 -13.94 -19.10 17.43
CA ASN A 169 -14.28 -19.26 18.83
C ASN A 169 -14.38 -17.93 19.56
N CYS A 170 -14.05 -16.81 18.89
CA CYS A 170 -13.93 -15.46 19.45
C CYS A 170 -12.75 -15.32 20.40
N ASP A 171 -11.82 -16.27 20.41
CA ASP A 171 -10.56 -16.06 21.11
C ASP A 171 -9.77 -14.95 20.44
N LEU A 172 -9.22 -14.06 21.26
CA LEU A 172 -8.49 -12.88 20.79
C LEU A 172 -7.07 -12.91 21.34
N LYS A 173 -6.08 -12.80 20.45
CA LYS A 173 -4.68 -12.79 20.84
C LYS A 173 -4.01 -11.52 20.31
N ILE A 174 -3.16 -10.93 21.14
CA ILE A 174 -2.39 -9.74 20.80
C ILE A 174 -1.09 -10.16 20.11
N CYS A 175 -0.65 -9.38 19.12
CA CYS A 175 0.52 -9.76 18.36
C CYS A 175 1.30 -8.53 17.93
N ASP A 176 2.39 -8.77 17.18
CA ASP A 176 3.27 -7.75 16.65
C ASP A 176 3.83 -6.86 17.75
N PHE A 177 4.82 -7.38 18.48
CA PHE A 177 5.50 -6.65 19.55
C PHE A 177 6.77 -5.95 19.08
N GLY A 178 6.89 -5.68 17.78
CA GLY A 178 8.14 -5.16 17.25
C GLY A 178 8.58 -3.83 17.84
N LEU A 179 7.68 -3.13 18.55
CA LEU A 179 7.97 -1.79 19.02
C LEU A 179 7.80 -1.64 20.53
N ALA A 180 7.74 -2.74 21.27
CA ALA A 180 7.47 -2.67 22.70
C ALA A 180 8.63 -2.06 23.47
N ARG A 181 8.33 -1.59 24.69
CA ARG A 181 9.28 -0.89 25.53
C ARG A 181 9.62 -1.73 26.76
N VAL A 182 10.81 -1.49 27.30
CA VAL A 182 11.28 -2.07 28.55
C VAL A 182 11.52 -1.00 29.62
N THR A 183 10.96 0.20 29.40
CA THR A 183 11.16 1.36 30.27
C THR A 183 12.62 1.74 30.42
N SER A 184 13.47 1.33 29.47
CA SER A 184 14.91 1.56 29.54
C SER A 184 15.47 2.25 28.30
N GLU A 185 14.65 2.53 27.29
CA GLU A 185 15.12 3.20 26.08
C GLU A 185 15.44 4.68 26.35
N VAL A 194 3.65 4.47 10.60
CA VAL A 194 2.92 4.04 11.78
C VAL A 194 1.76 5.00 12.05
N THR A 195 0.53 4.52 11.82
CA THR A 195 -0.63 5.37 12.04
C THR A 195 -0.78 5.69 13.52
N ARG A 196 -1.15 6.94 13.81
CA ARG A 196 -1.28 7.43 15.17
C ARG A 196 -2.73 7.67 15.56
N TRP A 197 -3.69 7.15 14.79
CA TRP A 197 -5.09 7.19 15.17
C TRP A 197 -5.32 6.62 16.56
N TYR A 198 -4.38 5.83 17.07
CA TYR A 198 -4.50 5.17 18.36
C TYR A 198 -3.40 5.57 19.34
N ARG A 199 -2.51 6.48 18.95
CA ARG A 199 -1.45 6.92 19.84
C ARG A 199 -2.01 7.80 20.95
N ALA A 200 -1.41 7.68 22.13
CA ALA A 200 -1.86 8.41 23.30
C ALA A 200 -1.49 9.88 23.21
N PRO A 201 -2.18 10.75 23.97
CA PRO A 201 -1.79 12.17 24.00
C PRO A 201 -0.34 12.38 24.43
N GLU A 202 0.15 11.64 25.42
CA GLU A 202 1.51 11.83 25.91
C GLU A 202 2.56 11.41 24.88
N LEU A 203 2.21 10.55 23.92
CA LEU A 203 3.21 10.13 22.94
C LEU A 203 3.45 11.21 21.89
N LEU A 204 2.39 11.87 21.44
CA LEU A 204 2.54 12.92 20.44
C LEU A 204 3.25 14.14 21.04
N LEU A 205 2.77 14.62 22.18
CA LEU A 205 3.42 15.69 22.93
C LEU A 205 4.44 15.04 23.85
N ASN A 206 5.69 14.98 23.40
CA ASN A 206 6.70 14.13 24.02
C ASN A 206 6.87 14.36 25.52
N SER A 207 6.39 13.40 26.31
CA SER A 207 6.82 13.18 27.68
C SER A 207 7.75 11.98 27.62
N SER A 208 9.06 12.22 27.70
CA SER A 208 10.05 11.22 27.32
C SER A 208 9.83 9.87 28.00
N ASP A 209 9.22 9.86 29.18
CA ASP A 209 8.82 8.63 29.85
C ASP A 209 7.30 8.53 29.87
N TYR A 210 6.79 7.32 29.68
CA TYR A 210 5.36 7.04 29.67
C TYR A 210 5.08 5.72 30.37
N THR A 211 3.88 5.58 30.93
CA THR A 211 3.50 4.39 31.65
C THR A 211 2.55 3.56 30.79
N ALA A 212 1.98 2.51 31.39
CA ALA A 212 1.07 1.63 30.67
C ALA A 212 -0.17 2.36 30.17
N ALA A 213 -0.42 3.58 30.66
CA ALA A 213 -1.63 4.30 30.30
C ALA A 213 -1.76 4.43 28.79
N ILE A 214 -0.64 4.56 28.08
CA ILE A 214 -0.69 4.68 26.62
C ILE A 214 -1.51 3.54 26.01
N ASP A 215 -1.19 2.30 26.42
CA ASP A 215 -1.94 1.14 25.96
C ASP A 215 -3.43 1.32 26.22
N VAL A 216 -3.77 1.69 27.46
CA VAL A 216 -5.16 1.90 27.82
C VAL A 216 -5.82 2.85 26.83
N TRP A 217 -5.15 3.97 26.55
CA TRP A 217 -5.67 4.93 25.59
C TRP A 217 -6.08 4.23 24.30
N SER A 218 -5.11 3.52 23.69
CA SER A 218 -5.38 2.85 22.43
C SER A 218 -6.59 1.95 22.55
N VAL A 219 -6.66 1.17 23.63
CA VAL A 219 -7.78 0.25 23.83
C VAL A 219 -9.09 1.00 23.72
N GLY A 220 -9.20 2.10 24.47
CA GLY A 220 -10.36 2.97 24.40
C GLY A 220 -10.74 3.22 22.96
N CYS A 221 -9.80 3.82 22.21
CA CYS A 221 -10.02 4.08 20.79
C CYS A 221 -10.54 2.84 20.10
N ILE A 222 -9.80 1.74 20.23
CA ILE A 222 -10.17 0.51 19.54
C ILE A 222 -11.60 0.13 19.88
N PHE A 223 -11.94 0.15 21.18
CA PHE A 223 -13.27 -0.29 21.57
C PHE A 223 -14.33 0.61 20.93
N MET A 224 -14.09 1.92 20.92
CA MET A 224 -15.05 2.80 20.27
C MET A 224 -15.18 2.45 18.79
N GLU A 225 -14.05 2.18 18.13
CA GLU A 225 -14.08 1.77 16.74
C GLU A 225 -14.81 0.44 16.58
N LEU A 226 -14.72 -0.43 17.59
CA LEU A 226 -15.50 -1.66 17.55
C LEU A 226 -16.99 -1.37 17.73
N MET A 227 -17.33 -0.37 18.55
CA MET A 227 -18.73 -0.09 18.84
C MET A 227 -19.36 0.89 17.85
N ASP A 228 -18.57 1.78 17.25
CA ASP A 228 -19.07 2.73 16.28
C ASP A 228 -18.77 2.33 14.83
N ARG A 229 -17.86 1.38 14.62
CA ARG A 229 -17.48 0.91 13.28
C ARG A 229 -16.93 2.05 12.42
N LYS A 230 -16.41 3.08 13.06
CA LYS A 230 -15.76 4.20 12.39
C LYS A 230 -14.53 4.55 13.21
N PRO A 231 -13.44 4.94 12.55
CA PRO A 231 -12.24 5.35 13.30
C PRO A 231 -12.55 6.57 14.16
N LEU A 232 -12.19 6.48 15.44
CA LEU A 232 -12.59 7.50 16.40
C LEU A 232 -11.86 8.81 16.19
N PHE A 233 -10.54 8.76 16.01
CA PHE A 233 -9.72 9.96 15.84
C PHE A 233 -8.90 9.86 14.55
N PRO A 234 -9.55 10.02 13.39
CA PRO A 234 -8.81 9.96 12.12
C PRO A 234 -7.92 11.19 11.97
N GLY A 235 -6.66 10.96 11.65
CA GLY A 235 -5.74 12.08 11.50
C GLY A 235 -5.40 12.47 10.07
N ARG A 236 -5.79 13.69 9.65
CA ARG A 236 -5.35 14.20 8.37
C ARG A 236 -3.85 14.45 8.38
N ASP A 237 -3.34 15.01 9.47
CA ASP A 237 -1.92 15.29 9.64
C ASP A 237 -1.59 15.11 11.12
N HIS A 238 -0.30 15.16 11.45
CA HIS A 238 0.11 14.92 12.84
C HIS A 238 -0.48 15.96 13.77
N VAL A 239 -0.46 17.23 13.36
CA VAL A 239 -0.98 18.30 14.21
C VAL A 239 -2.49 18.15 14.41
N HIS A 240 -3.19 17.60 13.40
CA HIS A 240 -4.64 17.49 13.46
C HIS A 240 -5.10 16.49 14.51
N GLN A 241 -4.29 15.46 14.79
CA GLN A 241 -4.67 14.45 15.76
C GLN A 241 -5.14 15.08 17.06
N LEU A 242 -4.31 15.95 17.65
CA LEU A 242 -4.69 16.63 18.88
C LEU A 242 -5.98 17.43 18.72
N ARG A 243 -6.17 18.05 17.55
CA ARG A 243 -7.38 18.83 17.30
C ARG A 243 -8.62 17.94 17.45
N LEU A 244 -8.67 16.84 16.71
CA LEU A 244 -9.82 15.95 16.86
C LEU A 244 -9.88 15.30 18.24
N LEU A 245 -8.76 15.26 18.97
CA LEU A 245 -8.79 14.76 20.34
C LEU A 245 -9.56 15.71 21.26
N MET A 246 -9.10 16.95 21.38
CA MET A 246 -9.72 17.85 22.34
C MET A 246 -11.02 18.44 21.84
N GLU A 247 -11.31 18.37 20.53
CA GLU A 247 -12.64 18.72 20.06
C GLU A 247 -13.70 17.85 20.73
N LEU A 248 -13.36 16.59 21.00
CA LEU A 248 -14.27 15.62 21.59
C LEU A 248 -14.11 15.56 23.11
N ILE A 249 -12.88 15.53 23.60
CA ILE A 249 -12.64 15.37 25.03
C ILE A 249 -12.59 16.72 25.77
N GLY A 250 -12.14 17.77 25.10
CA GLY A 250 -12.00 19.05 25.76
C GLY A 250 -10.55 19.41 25.99
N THR A 251 -10.26 20.71 25.91
CA THR A 251 -8.89 21.17 26.15
C THR A 251 -8.60 21.14 27.65
N PRO A 252 -7.52 20.51 28.08
CA PRO A 252 -7.25 20.34 29.51
C PRO A 252 -6.90 21.65 30.21
N SER A 253 -7.03 21.62 31.54
CA SER A 253 -7.08 22.80 32.39
C SER A 253 -5.77 23.15 33.08
N GLU A 254 -4.77 22.27 33.03
CA GLU A 254 -3.42 22.32 33.61
C GLU A 254 -3.33 21.67 34.98
N GLU A 255 -4.46 21.43 35.64
CA GLU A 255 -4.45 20.36 36.64
C GLU A 255 -4.17 19.02 35.96
N GLU A 256 -4.50 18.95 34.66
CA GLU A 256 -4.24 17.80 33.81
C GLU A 256 -3.02 17.99 32.91
N LEU A 257 -2.59 19.22 32.66
CA LEU A 257 -1.48 19.52 31.76
C LEU A 257 -0.12 19.47 32.43
N GLU A 258 -0.05 19.17 33.72
CA GLU A 258 1.19 19.37 34.47
C GLU A 258 2.32 18.48 33.97
N PHE A 259 2.00 17.33 33.39
CA PHE A 259 3.00 16.28 33.22
C PHE A 259 3.86 16.48 31.98
N LEU A 260 3.27 16.95 30.88
CA LEU A 260 4.02 17.01 29.63
C LEU A 260 5.13 18.05 29.71
N ASN A 261 6.13 17.85 28.84
CA ASN A 261 7.26 18.77 28.74
C ASN A 261 6.76 20.20 28.60
N GLU A 262 7.53 21.15 29.15
CA GLU A 262 7.15 22.55 29.07
C GLU A 262 7.38 23.14 27.68
N ASN A 263 8.19 22.48 26.85
CA ASN A 263 8.15 22.75 25.41
C ASN A 263 6.83 22.31 24.81
N ALA A 264 6.18 21.31 25.41
CA ALA A 264 4.86 20.85 25.02
C ALA A 264 3.74 21.51 25.81
N LYS A 265 3.96 21.83 27.09
CA LYS A 265 2.97 22.51 27.90
C LYS A 265 2.45 23.77 27.20
N ARG A 266 3.37 24.67 26.87
CA ARG A 266 3.04 25.87 26.10
C ARG A 266 2.14 25.55 24.92
N TYR A 267 2.44 24.45 24.22
CA TYR A 267 1.70 24.04 23.04
C TYR A 267 0.19 24.10 23.28
N ILE A 268 -0.26 23.58 24.41
CA ILE A 268 -1.70 23.45 24.61
C ILE A 268 -2.35 24.81 24.89
N ARG A 269 -1.62 25.74 25.49
CA ARG A 269 -2.17 27.08 25.62
C ARG A 269 -2.22 27.81 24.29
N GLN A 270 -1.55 27.29 23.27
CA GLN A 270 -1.37 28.00 22.00
C GLN A 270 -2.63 28.00 21.14
N LEU A 271 -3.59 27.12 21.39
CA LEU A 271 -4.72 26.92 20.51
C LEU A 271 -6.03 27.44 21.09
N PRO A 272 -7.02 27.72 20.25
CA PRO A 272 -8.35 28.13 20.72
C PRO A 272 -8.96 27.10 21.65
N PRO A 273 -10.05 27.44 22.34
CA PRO A 273 -10.67 26.48 23.27
C PRO A 273 -11.36 25.34 22.52
N TYR A 274 -11.71 24.31 23.28
CA TYR A 274 -12.45 23.19 22.75
C TYR A 274 -13.40 22.64 23.82
N PRO A 275 -14.70 22.57 23.54
CA PRO A 275 -15.63 22.04 24.53
C PRO A 275 -15.54 20.52 24.62
N ARG A 276 -15.93 19.99 25.78
CA ARG A 276 -15.99 18.54 25.97
C ARG A 276 -17.33 18.05 25.44
N GLN A 277 -17.34 17.65 24.17
CA GLN A 277 -18.55 17.05 23.59
C GLN A 277 -18.86 15.75 24.30
N SER A 278 -20.12 15.57 24.69
CA SER A 278 -20.51 14.37 25.41
C SER A 278 -20.58 13.19 24.45
N ILE A 279 -19.97 12.07 24.85
CA ILE A 279 -19.90 10.90 23.99
C ILE A 279 -21.26 10.20 23.91
N THR A 280 -22.04 10.23 24.99
CA THR A 280 -23.37 9.64 24.98
C THR A 280 -24.25 10.27 23.90
N ASP A 281 -23.99 11.52 23.54
CA ASP A 281 -24.76 12.18 22.49
C ASP A 281 -24.17 11.95 21.10
N LYS A 282 -22.84 11.94 20.97
CA LYS A 282 -22.24 11.75 19.65
C LYS A 282 -22.39 10.31 19.18
N PHE A 283 -22.23 9.34 20.09
CA PHE A 283 -22.31 7.92 19.79
C PHE A 283 -23.35 7.31 20.73
N PRO A 284 -24.65 7.51 20.46
CA PRO A 284 -25.68 7.12 21.41
C PRO A 284 -26.16 5.69 21.32
N THR A 285 -25.85 4.99 20.22
CA THR A 285 -26.35 3.63 20.04
C THR A 285 -25.81 2.68 21.09
N VAL A 286 -24.55 2.85 21.48
CA VAL A 286 -23.85 1.88 22.31
C VAL A 286 -24.43 1.86 23.73
N HIS A 287 -24.20 0.73 24.42
CA HIS A 287 -24.66 0.55 25.80
C HIS A 287 -24.10 1.63 26.71
N PRO A 288 -24.77 1.88 27.84
CA PRO A 288 -24.35 2.98 28.73
C PRO A 288 -23.04 2.72 29.46
N LEU A 289 -22.90 1.52 30.04
CA LEU A 289 -21.68 1.19 30.77
C LEU A 289 -20.47 1.22 29.86
N ALA A 290 -20.64 0.78 28.61
CA ALA A 290 -19.58 0.91 27.62
C ALA A 290 -19.13 2.35 27.50
N ILE A 291 -20.06 3.27 27.25
CA ILE A 291 -19.71 4.68 27.14
C ILE A 291 -19.02 5.16 28.42
N ASP A 292 -19.48 4.69 29.57
CA ASP A 292 -18.83 5.04 30.82
C ASP A 292 -17.35 4.67 30.80
N LEU A 293 -17.05 3.38 30.66
CA LEU A 293 -15.65 2.94 30.71
C LEU A 293 -14.82 3.59 29.60
N ILE A 294 -15.39 3.73 28.41
CA ILE A 294 -14.66 4.37 27.31
C ILE A 294 -14.25 5.78 27.71
N GLU A 295 -15.18 6.52 28.34
CA GLU A 295 -14.85 7.86 28.80
C GLU A 295 -13.79 7.83 29.90
N LYS A 296 -13.88 6.84 30.80
CA LYS A 296 -12.88 6.69 31.86
C LYS A 296 -11.51 6.26 31.32
N MET A 297 -11.43 5.84 30.05
CA MET A 297 -10.18 5.38 29.46
C MET A 297 -9.47 6.47 28.65
N LEU A 298 -10.19 7.49 28.19
CA LEU A 298 -9.65 8.47 27.27
C LEU A 298 -9.34 9.81 27.96
N THR A 299 -9.05 9.78 29.26
CA THR A 299 -8.67 11.00 29.95
C THR A 299 -7.34 11.52 29.42
N PHE A 300 -7.24 12.85 29.28
CA PHE A 300 -6.01 13.44 28.74
C PHE A 300 -4.84 13.26 29.70
N ASP A 301 -5.11 13.25 31.01
CA ASP A 301 -4.07 13.11 32.04
C ASP A 301 -3.71 11.64 32.21
N PRO A 302 -2.43 11.28 32.08
CA PRO A 302 -2.05 9.86 32.29
C PRO A 302 -2.29 9.37 33.71
N ARG A 303 -1.98 10.17 34.73
CA ARG A 303 -2.24 9.72 36.10
C ARG A 303 -3.72 9.69 36.45
N ARG A 304 -4.58 10.29 35.62
CA ARG A 304 -6.02 10.22 35.79
C ARG A 304 -6.66 9.24 34.81
N ARG A 305 -5.86 8.38 34.19
CA ARG A 305 -6.36 7.38 33.26
C ARG A 305 -6.49 6.05 33.99
N ILE A 306 -7.57 5.32 33.69
CA ILE A 306 -7.88 4.10 34.43
C ILE A 306 -6.83 3.03 34.15
N THR A 307 -6.49 2.28 35.18
CA THR A 307 -5.53 1.20 35.03
C THR A 307 -6.20 -0.03 34.44
N VAL A 308 -5.41 -0.85 33.75
CA VAL A 308 -5.92 -2.11 33.23
C VAL A 308 -6.46 -2.96 34.37
N LEU A 309 -5.79 -2.94 35.52
CA LEU A 309 -6.25 -3.68 36.69
C LEU A 309 -7.64 -3.22 37.12
N ASP A 310 -7.87 -1.91 37.11
CA ASP A 310 -9.19 -1.39 37.49
C ASP A 310 -10.18 -1.45 36.33
N ALA A 311 -9.70 -1.24 35.11
CA ALA A 311 -10.59 -1.37 33.95
C ALA A 311 -11.11 -2.79 33.81
N LEU A 312 -10.42 -3.78 34.35
CA LEU A 312 -10.95 -5.13 34.34
C LEU A 312 -12.18 -5.25 35.23
N ALA A 313 -12.20 -4.52 36.34
CA ALA A 313 -13.28 -4.62 37.32
C ALA A 313 -14.44 -3.67 37.04
N HIS A 314 -14.36 -2.84 36.00
CA HIS A 314 -15.44 -1.93 35.67
C HIS A 314 -16.72 -2.71 35.34
N PRO A 315 -17.89 -2.16 35.69
CA PRO A 315 -19.14 -2.95 35.58
C PRO A 315 -19.49 -3.43 34.19
N TYR A 316 -18.89 -2.88 33.12
CA TYR A 316 -19.19 -3.41 31.80
C TYR A 316 -18.68 -4.84 31.65
N LEU A 317 -17.67 -5.23 32.43
CA LEU A 317 -17.06 -6.55 32.33
C LEU A 317 -17.39 -7.44 33.52
N ASN A 318 -18.37 -7.05 34.35
CA ASN A 318 -18.62 -7.73 35.62
C ASN A 318 -19.07 -9.18 35.45
N SER A 319 -19.63 -9.54 34.28
CA SER A 319 -19.99 -10.92 34.03
C SER A 319 -18.80 -11.76 33.59
N LEU A 320 -17.65 -11.13 33.31
CA LEU A 320 -16.43 -11.83 32.92
C LEU A 320 -15.27 -11.63 33.88
N HIS A 321 -15.29 -10.56 34.68
CA HIS A 321 -14.15 -10.22 35.52
C HIS A 321 -13.91 -11.28 36.57
N ASP A 322 -12.62 -11.58 36.81
CA ASP A 322 -12.19 -12.56 37.81
C ASP A 322 -10.69 -12.47 38.05
N ILE A 323 -10.30 -12.01 39.25
CA ILE A 323 -8.88 -11.81 39.54
C ILE A 323 -8.13 -13.14 39.59
N SER A 324 -8.77 -14.21 40.05
CA SER A 324 -8.10 -15.51 40.12
C SER A 324 -7.85 -16.13 38.75
N ASP A 325 -8.48 -15.61 37.70
CA ASP A 325 -8.38 -16.17 36.35
C ASP A 325 -7.63 -15.25 35.40
N GLU A 326 -7.24 -14.05 35.84
CA GLU A 326 -6.47 -13.12 35.04
C GLU A 326 -5.04 -13.05 35.55
N PRO A 327 -4.18 -13.99 35.14
CA PRO A 327 -2.87 -14.14 35.80
C PRO A 327 -1.90 -13.03 35.40
N GLU A 328 -0.77 -13.03 36.11
CA GLU A 328 0.36 -12.16 35.83
C GLU A 328 1.56 -13.01 35.44
N CYS A 329 2.63 -12.32 35.03
CA CYS A 329 3.87 -12.96 34.60
C CYS A 329 4.85 -12.92 35.77
N THR A 330 5.32 -14.09 36.19
CA THR A 330 6.16 -14.16 37.39
C THR A 330 7.55 -13.60 37.12
N ILE A 331 8.21 -14.11 36.08
CA ILE A 331 9.58 -13.72 35.77
C ILE A 331 9.54 -12.53 34.82
N PRO A 332 10.13 -11.38 35.17
CA PRO A 332 10.18 -10.26 34.23
C PRO A 332 11.11 -10.52 33.05
N PHE A 333 11.16 -9.56 32.13
CA PHE A 333 11.89 -9.70 30.87
C PHE A 333 12.99 -8.64 30.80
N ASN A 334 14.20 -9.04 30.43
CA ASN A 334 15.33 -8.13 30.32
C ASN A 334 15.68 -7.88 28.86
N PHE A 335 16.14 -6.66 28.58
CA PHE A 335 16.26 -6.19 27.20
C PHE A 335 17.58 -6.55 26.55
N ASP A 336 18.64 -6.71 27.36
CA ASP A 336 19.95 -7.09 26.83
C ASP A 336 19.97 -8.59 26.56
N PHE A 337 19.46 -8.98 25.40
CA PHE A 337 19.62 -10.36 24.94
C PHE A 337 21.10 -10.62 24.73
N GLU A 338 21.69 -11.47 25.59
CA GLU A 338 23.13 -11.56 25.79
C GLU A 338 23.64 -10.21 26.29
N ASN A 339 24.15 -9.34 25.41
CA ASN A 339 24.60 -8.03 25.87
C ASN A 339 23.72 -6.92 25.27
N HIS A 340 24.17 -5.67 25.43
CA HIS A 340 23.39 -4.51 25.02
C HIS A 340 23.66 -4.14 23.58
N ALA A 341 24.94 -4.12 23.18
CA ALA A 341 25.34 -3.78 21.82
C ALA A 341 25.65 -5.07 21.07
N LEU A 342 24.93 -5.32 19.98
CA LEU A 342 25.12 -6.52 19.16
C LEU A 342 25.26 -6.13 17.71
N SER A 343 26.08 -6.91 16.99
CA SER A 343 26.18 -6.78 15.55
C SER A 343 25.12 -7.64 14.87
N GLU A 344 24.93 -7.41 13.57
CA GLU A 344 23.96 -8.21 12.82
C GLU A 344 24.30 -9.69 12.90
N GLU A 345 25.58 -10.03 13.03
CA GLU A 345 25.97 -11.43 13.09
C GLU A 345 25.63 -12.05 14.45
N GLN A 346 25.69 -11.26 15.52
CA GLN A 346 25.31 -11.77 16.84
C GLN A 346 23.82 -12.04 16.90
N MET A 347 23.00 -11.06 16.51
CA MET A 347 21.56 -11.25 16.42
C MET A 347 21.20 -12.42 15.51
N LYS A 348 21.87 -12.50 14.35
CA LYS A 348 21.76 -13.69 13.51
C LYS A 348 21.98 -14.95 14.33
N GLU A 349 23.04 -14.97 15.13
CA GLU A 349 23.38 -16.20 15.82
C GLU A 349 22.34 -16.56 16.87
N LEU A 350 21.81 -15.56 17.57
CA LEU A 350 20.77 -15.81 18.55
C LEU A 350 19.53 -16.43 17.90
N ILE A 351 19.04 -15.79 16.82
CA ILE A 351 17.88 -16.36 16.11
C ILE A 351 18.21 -17.75 15.59
N TYR A 352 19.46 -17.99 15.18
CA TYR A 352 19.84 -19.31 14.73
C TYR A 352 19.75 -20.34 15.86
N ARG A 353 20.21 -19.97 17.06
CA ARG A 353 20.12 -20.90 18.17
C ARG A 353 18.66 -21.18 18.52
N GLU A 354 17.80 -20.17 18.36
CA GLU A 354 16.37 -20.39 18.60
C GLU A 354 15.80 -21.39 17.59
N ALA A 355 16.11 -21.20 16.30
CA ALA A 355 15.64 -22.14 15.29
C ALA A 355 16.17 -23.54 15.55
N LEU A 356 17.43 -23.66 15.98
CA LEU A 356 17.96 -24.97 16.33
C LEU A 356 17.32 -25.54 17.59
N ALA A 357 16.75 -24.69 18.46
CA ALA A 357 16.00 -25.19 19.60
C ALA A 357 14.68 -25.80 19.15
N PHE A 358 13.99 -25.14 18.21
CA PHE A 358 12.77 -25.74 17.68
C PHE A 358 13.05 -26.91 16.75
N ASN A 359 14.22 -26.98 16.14
CA ASN A 359 14.57 -28.04 15.18
C ASN A 359 15.87 -28.69 15.61
N PRO A 360 15.84 -29.53 16.65
CA PRO A 360 17.10 -30.16 17.11
C PRO A 360 17.75 -31.06 16.07
N GLU A 361 17.01 -31.50 15.05
CA GLU A 361 17.57 -32.37 14.02
C GLU A 361 18.61 -31.67 13.17
N TYR A 362 18.56 -30.34 13.10
CA TYR A 362 19.50 -29.58 12.29
C TYR A 362 20.72 -29.12 13.08
N GLN A 363 20.79 -29.43 14.37
CA GLN A 363 21.96 -29.07 15.17
C GLN A 363 23.20 -29.79 14.68
N GLN A 364 23.20 -31.12 14.80
CA GLN A 364 24.34 -31.98 14.51
C GLN A 364 25.60 -31.51 15.25
N ILE B 2 20.74 -19.48 -34.37
CA ILE B 2 20.49 -20.66 -33.55
C ILE B 2 19.50 -20.32 -32.44
N GLU B 3 19.04 -19.06 -32.44
CA GLU B 3 18.13 -18.54 -31.42
C GLU B 3 16.85 -17.98 -32.03
N ASN B 4 16.50 -18.41 -33.25
CA ASN B 4 15.40 -17.84 -34.04
C ASN B 4 15.68 -16.37 -34.34
N ILE B 5 15.81 -15.55 -33.31
CA ILE B 5 16.27 -14.17 -33.43
C ILE B 5 17.79 -14.19 -33.44
N PRO B 6 18.44 -13.75 -34.52
CA PRO B 6 19.91 -13.74 -34.55
C PRO B 6 20.51 -12.89 -33.42
N ALA B 7 21.16 -13.56 -32.47
CA ALA B 7 21.83 -12.92 -31.35
C ALA B 7 23.33 -13.02 -31.56
N THR B 8 24.03 -11.90 -31.36
CA THR B 8 25.46 -11.86 -31.60
C THR B 8 26.13 -10.95 -30.59
N LEU B 9 27.12 -11.49 -29.87
CA LEU B 9 27.85 -10.75 -28.84
C LEU B 9 28.52 -9.51 -29.44
N SER B 10 28.86 -8.57 -28.55
CA SER B 10 29.46 -7.33 -28.98
C SER B 10 30.17 -6.68 -27.79
N HIS B 11 31.18 -5.87 -28.12
CA HIS B 11 31.99 -5.17 -27.14
C HIS B 11 32.59 -6.12 -26.11
N GLY B 12 33.38 -7.07 -26.61
CA GLY B 12 34.04 -8.01 -25.73
C GLY B 12 33.08 -8.90 -24.97
N GLY B 13 31.93 -9.20 -25.56
CA GLY B 13 30.96 -10.08 -24.94
C GLY B 13 30.20 -9.50 -23.77
N ARG B 14 30.27 -8.19 -23.54
CA ARG B 14 29.50 -7.59 -22.47
C ARG B 14 28.19 -7.00 -22.97
N PHE B 15 27.97 -6.96 -24.28
CA PHE B 15 26.68 -6.62 -24.86
C PHE B 15 26.25 -7.69 -25.85
N ILE B 16 24.98 -7.66 -26.21
CA ILE B 16 24.40 -8.59 -27.18
C ILE B 16 23.53 -7.79 -28.14
N GLN B 17 23.74 -8.02 -29.44
CA GLN B 17 22.91 -7.45 -30.50
C GLN B 17 21.92 -8.50 -30.95
N TYR B 18 20.63 -8.22 -30.74
CA TYR B 18 19.55 -9.08 -31.21
C TYR B 18 18.99 -8.48 -32.50
N ASN B 19 19.09 -9.23 -33.60
CA ASN B 19 18.60 -8.75 -34.89
C ASN B 19 17.09 -8.91 -34.94
N ILE B 20 16.35 -7.84 -34.63
CA ILE B 20 14.88 -7.88 -34.60
C ILE B 20 14.40 -7.37 -35.97
N PHE B 21 14.33 -8.30 -36.92
CA PHE B 21 13.85 -8.03 -38.28
C PHE B 21 14.50 -6.77 -38.86
N GLY B 22 15.82 -6.82 -38.96
CA GLY B 22 16.60 -5.71 -39.49
C GLY B 22 16.93 -4.63 -38.49
N ASN B 23 16.48 -4.76 -37.24
CA ASN B 23 16.76 -3.78 -36.20
C ASN B 23 17.67 -4.38 -35.15
N ILE B 24 18.78 -3.70 -34.86
CA ILE B 24 19.73 -4.19 -33.86
C ILE B 24 19.25 -3.70 -32.50
N PHE B 25 18.63 -4.61 -31.75
CA PHE B 25 18.19 -4.38 -30.38
C PHE B 25 19.31 -4.85 -29.46
N GLU B 26 20.10 -3.92 -28.94
CA GLU B 26 21.38 -4.21 -28.31
C GLU B 26 21.30 -3.90 -26.82
N VAL B 27 21.55 -4.92 -25.98
CA VAL B 27 21.38 -4.80 -24.54
C VAL B 27 22.60 -5.40 -23.84
N THR B 28 22.71 -5.13 -22.54
CA THR B 28 23.82 -5.67 -21.78
C THR B 28 23.69 -7.18 -21.63
N ALA B 29 24.84 -7.84 -21.51
CA ALA B 29 24.90 -9.30 -21.63
C ALA B 29 24.18 -10.03 -20.51
N LYS B 30 23.77 -9.34 -19.43
CA LYS B 30 22.92 -9.97 -18.42
C LYS B 30 21.72 -10.67 -19.05
N TYR B 31 21.13 -10.05 -20.08
CA TYR B 31 19.91 -10.55 -20.70
C TYR B 31 20.25 -11.60 -21.76
N LYS B 32 20.67 -12.76 -21.26
CA LYS B 32 21.04 -13.85 -22.16
C LYS B 32 19.79 -14.40 -22.85
N PRO B 33 19.89 -14.82 -24.12
CA PRO B 33 18.81 -15.30 -24.98
C PRO B 33 17.97 -16.41 -24.36
N PRO B 34 16.72 -16.57 -24.81
CA PRO B 34 16.09 -15.76 -25.86
C PRO B 34 15.27 -14.59 -25.31
N ILE B 35 14.97 -13.61 -26.16
CA ILE B 35 14.09 -12.51 -25.81
C ILE B 35 12.87 -12.58 -26.72
N MET B 36 11.74 -12.09 -26.21
CA MET B 36 10.48 -12.10 -26.95
C MET B 36 9.99 -10.67 -27.12
N PRO B 37 9.89 -10.17 -28.35
CA PRO B 37 9.20 -8.88 -28.57
C PRO B 37 7.72 -9.00 -28.23
N ILE B 38 7.29 -8.24 -27.22
CA ILE B 38 5.91 -8.27 -26.75
C ILE B 38 5.18 -6.98 -27.02
N GLY B 39 5.86 -5.96 -27.52
CA GLY B 39 5.25 -4.65 -27.62
C GLY B 39 5.46 -3.93 -28.94
N LYS B 40 4.35 -3.63 -29.61
CA LYS B 40 4.36 -2.78 -30.79
C LYS B 40 4.06 -1.35 -30.36
N GLY B 41 5.00 -0.44 -30.62
CA GLY B 41 4.84 0.93 -30.20
C GLY B 41 5.32 1.91 -31.25
N ALA B 42 4.98 3.18 -31.04
CA ALA B 42 5.51 4.25 -31.88
C ALA B 42 7.01 4.37 -31.70
N TYR B 43 7.49 4.29 -30.46
CA TYR B 43 8.91 4.08 -30.21
C TYR B 43 9.28 2.64 -30.56
N GLY B 44 10.57 2.34 -30.50
CA GLY B 44 11.07 1.02 -30.85
C GLY B 44 10.39 -0.11 -30.10
N ILE B 45 10.46 -1.32 -30.67
CA ILE B 45 9.71 -2.46 -30.14
C ILE B 45 10.09 -2.71 -28.68
N VAL B 46 9.11 -3.17 -27.91
CA VAL B 46 9.33 -3.64 -26.54
C VAL B 46 9.52 -5.16 -26.58
N CYS B 47 10.54 -5.65 -25.87
CA CYS B 47 10.86 -7.07 -25.82
C CYS B 47 10.89 -7.54 -24.38
N SER B 48 10.38 -8.74 -24.10
CA SER B 48 10.55 -9.33 -22.79
C SER B 48 11.90 -10.03 -22.72
N ALA B 49 12.54 -9.97 -21.56
CA ALA B 49 13.87 -10.55 -21.43
C ALA B 49 14.06 -11.00 -19.99
N MET B 50 15.06 -11.87 -19.78
CA MET B 50 15.34 -12.44 -18.47
C MET B 50 16.69 -11.95 -17.98
N ASN B 51 16.67 -11.16 -16.90
CA ASN B 51 17.90 -10.72 -16.24
C ASN B 51 18.52 -11.92 -15.56
N SER B 52 19.52 -12.53 -16.21
CA SER B 52 20.07 -13.79 -15.74
C SER B 52 20.83 -13.66 -14.43
N GLU B 53 20.94 -12.46 -13.87
CA GLU B 53 21.55 -12.28 -12.55
C GLU B 53 20.50 -12.28 -11.45
N THR B 54 19.41 -11.54 -11.64
CA THR B 54 18.31 -11.52 -10.69
C THR B 54 17.29 -12.61 -10.94
N ASN B 55 17.43 -13.37 -12.02
CA ASN B 55 16.43 -14.34 -12.47
C ASN B 55 15.05 -13.71 -12.67
N GLU B 56 15.00 -12.40 -12.89
CA GLU B 56 13.74 -11.68 -13.03
C GLU B 56 13.46 -11.35 -14.49
N SER B 57 12.20 -11.54 -14.90
CA SER B 57 11.80 -11.09 -16.22
C SER B 57 11.51 -9.60 -16.22
N VAL B 58 11.69 -8.98 -17.38
CA VAL B 58 11.52 -7.54 -17.54
C VAL B 58 10.99 -7.26 -18.94
N ALA B 59 10.36 -6.10 -19.09
CA ALA B 59 10.05 -5.57 -20.40
C ALA B 59 11.07 -4.48 -20.72
N ILE B 60 11.58 -4.50 -21.94
CA ILE B 60 12.66 -3.61 -22.37
C ILE B 60 12.15 -2.80 -23.54
N LYS B 61 12.14 -1.48 -23.39
CA LYS B 61 11.64 -0.53 -24.38
C LYS B 61 12.83 0.19 -24.98
N LYS B 62 13.02 0.02 -26.29
CA LYS B 62 14.05 0.71 -27.04
C LYS B 62 13.48 2.03 -27.58
N ILE B 63 13.84 3.14 -26.94
CA ILE B 63 13.56 4.45 -27.47
C ILE B 63 14.58 4.71 -28.60
N ALA B 64 14.08 4.72 -29.84
CA ALA B 64 14.91 4.76 -31.03
C ALA B 64 15.33 6.20 -31.30
N ASN B 65 16.55 6.54 -30.91
CA ASN B 65 17.22 7.78 -31.26
C ASN B 65 16.44 9.02 -30.84
N ALA B 66 15.51 8.89 -29.91
CA ALA B 66 14.70 10.02 -29.45
C ALA B 66 15.26 10.64 -28.19
N PHE B 67 16.50 10.33 -27.82
CA PHE B 67 17.06 10.92 -26.62
C PHE B 67 17.57 12.34 -26.88
N ASP B 68 18.52 12.48 -27.80
CA ASP B 68 19.05 13.78 -28.19
C ASP B 68 18.42 14.16 -29.54
N ASN B 69 17.11 14.39 -29.51
CA ASN B 69 16.35 14.48 -30.74
C ASN B 69 15.16 15.43 -30.51
N LYS B 70 14.26 15.46 -31.49
CA LYS B 70 13.17 16.45 -31.49
C LYS B 70 12.24 16.27 -30.30
N ILE B 71 11.81 15.03 -30.03
CA ILE B 71 11.10 14.75 -28.79
C ILE B 71 12.03 15.11 -27.64
N ASP B 72 11.74 16.21 -26.97
CA ASP B 72 12.63 16.73 -25.95
C ASP B 72 13.06 15.62 -24.99
N ALA B 73 14.33 15.67 -24.60
CA ALA B 73 14.88 14.74 -23.63
C ALA B 73 14.08 14.78 -22.33
N LYS B 74 13.27 15.84 -22.19
CA LYS B 74 12.43 15.98 -21.00
C LYS B 74 11.26 15.00 -20.97
N ARG B 75 10.80 14.53 -22.14
CA ARG B 75 9.69 13.59 -22.12
C ARG B 75 10.15 12.27 -21.51
N THR B 76 11.03 11.57 -22.21
CA THR B 76 11.46 10.25 -21.75
C THR B 76 12.43 10.35 -20.58
N LEU B 77 13.03 11.51 -20.32
CA LEU B 77 13.72 11.68 -19.04
C LEU B 77 12.74 11.84 -17.89
N ARG B 78 11.69 12.65 -18.09
CA ARG B 78 10.70 12.82 -17.05
C ARG B 78 10.02 11.51 -16.70
N GLU B 79 9.85 10.62 -17.69
CA GLU B 79 9.40 9.27 -17.36
C GLU B 79 10.37 8.59 -16.40
N ILE B 80 11.67 8.80 -16.61
CA ILE B 80 12.68 8.17 -15.76
C ILE B 80 12.63 8.73 -14.36
N LYS B 81 12.76 10.05 -14.21
CA LYS B 81 12.75 10.65 -12.89
C LYS B 81 11.46 10.32 -12.16
N LEU B 82 10.34 10.45 -12.86
CA LEU B 82 9.02 10.18 -12.29
C LEU B 82 8.92 8.74 -11.78
N LEU B 83 9.27 7.76 -12.62
CA LEU B 83 9.12 6.37 -12.20
C LEU B 83 10.14 6.01 -11.12
N ARG B 84 11.34 6.58 -11.17
CA ARG B 84 12.30 6.36 -10.11
C ARG B 84 11.78 6.89 -8.78
N HIS B 85 10.97 7.96 -8.81
CA HIS B 85 10.44 8.53 -7.58
C HIS B 85 9.42 7.62 -6.92
N MET B 86 8.46 7.12 -7.70
CA MET B 86 7.34 6.38 -7.14
C MET B 86 7.74 4.98 -6.71
N ASP B 87 7.17 4.51 -5.61
CA ASP B 87 7.32 3.12 -5.18
C ASP B 87 5.94 2.69 -4.68
N HIS B 88 5.17 2.03 -5.56
CA HIS B 88 3.79 1.72 -5.27
C HIS B 88 3.36 0.52 -6.11
N GLU B 89 2.53 -0.35 -5.54
CA GLU B 89 2.15 -1.58 -6.22
C GLU B 89 1.41 -1.31 -7.53
N ASN B 90 0.83 -0.12 -7.70
CA ASN B 90 0.00 0.18 -8.84
C ASN B 90 0.63 1.22 -9.78
N ILE B 91 1.93 1.48 -9.64
CA ILE B 91 2.67 2.29 -10.59
C ILE B 91 3.88 1.49 -11.05
N VAL B 92 4.00 1.31 -12.37
CA VAL B 92 5.08 0.52 -12.93
C VAL B 92 6.42 1.02 -12.42
N ALA B 93 7.28 0.09 -12.04
CA ALA B 93 8.64 0.37 -11.62
C ALA B 93 9.61 0.13 -12.76
N ILE B 94 10.65 0.96 -12.80
CA ILE B 94 11.81 0.74 -13.69
C ILE B 94 12.76 -0.22 -12.99
N ARG B 95 12.94 -1.40 -13.60
CA ARG B 95 13.88 -2.37 -13.05
C ARG B 95 15.32 -2.06 -13.45
N ASP B 96 15.53 -1.49 -14.63
CA ASP B 96 16.88 -1.29 -15.14
C ASP B 96 16.84 -0.22 -16.22
N ILE B 97 17.93 0.54 -16.30
CA ILE B 97 18.21 1.42 -17.42
C ILE B 97 19.56 0.98 -18.00
N ILE B 98 19.55 0.59 -19.27
CA ILE B 98 20.70 -0.08 -19.87
C ILE B 98 21.70 0.98 -20.33
N PRO B 99 22.96 0.90 -19.91
CA PRO B 99 23.93 1.93 -20.27
C PRO B 99 24.40 1.77 -21.70
N PRO B 100 24.89 2.84 -22.33
CA PRO B 100 25.32 2.76 -23.73
C PRO B 100 26.63 2.00 -23.85
N PRO B 101 26.80 1.19 -24.90
CA PRO B 101 28.07 0.45 -25.06
C PRO B 101 29.29 1.35 -25.06
N LEU B 102 29.25 2.43 -25.84
CA LEU B 102 30.22 3.51 -25.75
C LEU B 102 29.47 4.79 -25.46
N ARG B 103 30.04 5.63 -24.60
CA ARG B 103 29.37 6.87 -24.21
C ARG B 103 29.12 7.77 -25.41
N ASN B 104 30.16 8.01 -26.23
CA ASN B 104 30.01 8.92 -27.36
C ASN B 104 28.87 8.50 -28.28
N ALA B 105 28.77 7.21 -28.58
CA ALA B 105 27.69 6.66 -29.39
C ALA B 105 26.53 6.35 -28.45
N PHE B 106 25.70 7.35 -28.20
CA PHE B 106 24.57 7.23 -27.29
C PHE B 106 23.27 7.52 -28.04
N ASN B 107 23.00 6.76 -29.11
CA ASN B 107 21.88 7.08 -29.98
C ASN B 107 20.56 6.63 -29.40
N ASP B 108 20.45 5.36 -29.02
CA ASP B 108 19.20 4.78 -28.53
C ASP B 108 19.24 4.64 -27.02
N VAL B 109 18.05 4.62 -26.40
CA VAL B 109 17.96 4.51 -24.95
C VAL B 109 17.01 3.38 -24.57
N TYR B 110 17.50 2.43 -23.77
CA TYR B 110 16.72 1.27 -23.37
C TYR B 110 16.27 1.41 -21.93
N ILE B 111 14.99 1.13 -21.66
CA ILE B 111 14.44 1.16 -20.32
C ILE B 111 13.85 -0.21 -20.01
N ALA B 112 14.12 -0.72 -18.81
CA ALA B 112 13.55 -1.98 -18.37
C ALA B 112 12.55 -1.70 -17.27
N TYR B 113 11.35 -2.27 -17.40
CA TYR B 113 10.29 -2.23 -16.41
C TYR B 113 9.95 -3.64 -15.98
N GLU B 114 9.10 -3.75 -14.97
CA GLU B 114 8.49 -5.02 -14.65
C GLU B 114 7.76 -5.55 -15.88
N LEU B 115 7.74 -6.87 -16.03
CA LEU B 115 7.05 -7.47 -17.16
C LEU B 115 5.57 -7.52 -16.88
N MET B 116 4.77 -7.13 -17.87
CA MET B 116 3.32 -7.14 -17.76
C MET B 116 2.75 -7.81 -19.01
N ASP B 117 1.75 -8.66 -18.80
CA ASP B 117 1.30 -9.55 -19.87
C ASP B 117 0.48 -8.81 -20.91
N THR B 118 -0.47 -7.99 -20.47
CA THR B 118 -1.37 -7.29 -21.38
C THR B 118 -1.72 -5.94 -20.76
N ASP B 119 -2.55 -5.17 -21.46
CA ASP B 119 -3.07 -3.92 -20.92
C ASP B 119 -4.59 -3.92 -21.01
N LEU B 120 -5.20 -2.89 -20.43
CA LEU B 120 -6.66 -2.85 -20.38
C LEU B 120 -7.27 -2.61 -21.75
N HIS B 121 -6.54 -1.92 -22.64
CA HIS B 121 -7.02 -1.77 -24.01
C HIS B 121 -7.14 -3.13 -24.70
N GLN B 122 -6.12 -3.99 -24.53
CA GLN B 122 -6.17 -5.31 -25.14
C GLN B 122 -7.26 -6.17 -24.49
N ILE B 123 -7.37 -6.10 -23.16
CA ILE B 123 -8.45 -6.82 -22.46
C ILE B 123 -9.81 -6.42 -23.03
N ILE B 124 -10.03 -5.12 -23.17
CA ILE B 124 -11.33 -4.63 -23.64
C ILE B 124 -11.61 -5.10 -25.05
N ARG B 125 -10.66 -4.88 -25.97
CA ARG B 125 -10.93 -5.24 -27.36
C ARG B 125 -10.86 -6.74 -27.60
N SER B 126 -10.31 -7.52 -26.67
CA SER B 126 -10.22 -8.98 -26.85
C SER B 126 -11.57 -9.67 -26.70
N ASN B 127 -12.62 -8.96 -26.30
CA ASN B 127 -13.96 -9.52 -26.17
C ASN B 127 -14.01 -10.69 -25.20
N GLN B 128 -13.12 -10.72 -24.22
CA GLN B 128 -13.15 -11.78 -23.20
C GLN B 128 -13.93 -11.31 -21.99
N ALA B 129 -14.88 -12.14 -21.55
CA ALA B 129 -15.79 -11.77 -20.47
C ALA B 129 -15.03 -11.61 -19.16
N LEU B 130 -15.51 -10.68 -18.34
CA LEU B 130 -14.89 -10.36 -17.06
C LEU B 130 -15.91 -10.44 -15.95
N SER B 131 -15.50 -11.05 -14.84
CA SER B 131 -16.33 -11.08 -13.65
C SER B 131 -16.52 -9.68 -13.08
N GLU B 132 -17.60 -9.49 -12.35
CA GLU B 132 -17.82 -8.23 -11.67
C GLU B 132 -16.70 -7.94 -10.66
N GLU B 133 -16.17 -8.97 -10.02
CA GLU B 133 -15.10 -8.78 -9.06
C GLU B 133 -13.83 -8.27 -9.74
N HIS B 134 -13.56 -8.75 -10.95
CA HIS B 134 -12.37 -8.31 -11.68
C HIS B 134 -12.50 -6.85 -12.11
N CYS B 135 -13.69 -6.43 -12.52
CA CYS B 135 -13.88 -5.02 -12.87
C CYS B 135 -13.77 -4.13 -11.64
N GLN B 136 -14.43 -4.52 -10.56
CA GLN B 136 -14.28 -3.78 -9.31
C GLN B 136 -12.82 -3.69 -8.90
N TYR B 137 -12.05 -4.75 -9.13
CA TYR B 137 -10.67 -4.80 -8.71
C TYR B 137 -9.79 -3.89 -9.56
N PHE B 138 -10.01 -3.91 -10.88
CA PHE B 138 -9.31 -2.98 -11.77
C PHE B 138 -9.56 -1.53 -11.35
N LEU B 139 -10.83 -1.14 -11.22
CA LEU B 139 -11.16 0.24 -10.82
C LEU B 139 -10.50 0.61 -9.50
N TYR B 140 -10.59 -0.29 -8.51
CA TYR B 140 -9.99 0.01 -7.22
C TYR B 140 -8.49 0.25 -7.36
N GLN B 141 -7.81 -0.57 -8.15
CA GLN B 141 -6.36 -0.44 -8.29
C GLN B 141 -5.96 0.85 -9.01
N ILE B 142 -6.71 1.20 -10.06
CA ILE B 142 -6.48 2.49 -10.72
C ILE B 142 -6.58 3.62 -9.72
N LEU B 143 -7.67 3.63 -8.94
CA LEU B 143 -7.90 4.74 -8.01
C LEU B 143 -6.82 4.76 -6.93
N ARG B 144 -6.38 3.60 -6.46
CA ARG B 144 -5.33 3.56 -5.45
C ARG B 144 -4.03 4.14 -5.98
N GLY B 145 -3.67 3.75 -7.20
CA GLY B 145 -2.49 4.33 -7.83
C GLY B 145 -2.59 5.84 -7.95
N LEU B 146 -3.75 6.34 -8.40
CA LEU B 146 -3.93 7.79 -8.46
C LEU B 146 -3.81 8.42 -7.08
N LYS B 147 -4.39 7.79 -6.07
CA LYS B 147 -4.26 8.28 -4.70
C LYS B 147 -2.80 8.52 -4.37
N TYR B 148 -1.93 7.59 -4.78
CA TYR B 148 -0.50 7.76 -4.51
C TYR B 148 0.10 8.88 -5.37
N ILE B 149 -0.19 8.88 -6.67
CA ILE B 149 0.42 9.84 -7.59
C ILE B 149 0.11 11.27 -7.18
N HIS B 150 -1.17 11.56 -6.93
CA HIS B 150 -1.56 12.94 -6.64
C HIS B 150 -0.92 13.47 -5.37
N SER B 151 -0.69 12.60 -4.38
CA SER B 151 -0.08 13.06 -3.14
C SER B 151 1.33 13.59 -3.36
N ALA B 152 2.02 13.08 -4.38
CA ALA B 152 3.33 13.59 -4.77
C ALA B 152 3.23 14.83 -5.65
N ASN B 153 2.06 15.46 -5.73
CA ASN B 153 1.83 16.64 -6.57
C ASN B 153 2.12 16.35 -8.03
N VAL B 154 1.67 15.19 -8.51
CA VAL B 154 1.82 14.77 -9.89
C VAL B 154 0.44 14.43 -10.44
N LEU B 155 0.14 14.89 -11.65
CA LEU B 155 -1.09 14.55 -12.34
C LEU B 155 -0.75 13.71 -13.56
N HIS B 156 -1.61 12.74 -13.88
CA HIS B 156 -1.31 11.87 -15.01
C HIS B 156 -1.62 12.54 -16.35
N ARG B 157 -2.79 13.15 -16.46
CA ARG B 157 -3.20 14.02 -17.57
C ARG B 157 -3.52 13.27 -18.86
N ASP B 158 -3.12 12.01 -18.98
CA ASP B 158 -3.41 11.26 -20.20
C ASP B 158 -3.77 9.81 -19.87
N LEU B 159 -4.74 9.62 -18.98
CA LEU B 159 -5.20 8.28 -18.67
C LEU B 159 -5.99 7.70 -19.83
N LYS B 160 -5.74 6.43 -20.11
CA LYS B 160 -6.51 5.65 -21.09
C LYS B 160 -6.18 4.18 -20.87
N PRO B 161 -7.03 3.27 -21.37
CA PRO B 161 -6.79 1.84 -21.12
C PRO B 161 -5.39 1.34 -21.48
N SER B 162 -4.83 1.76 -22.62
CA SER B 162 -3.49 1.30 -23.01
C SER B 162 -2.40 1.73 -22.03
N ASN B 163 -2.68 2.68 -21.15
CA ASN B 163 -1.75 3.09 -20.10
C ASN B 163 -1.90 2.27 -18.84
N LEU B 164 -2.84 1.34 -18.80
CA LEU B 164 -3.08 0.50 -17.63
C LEU B 164 -2.58 -0.91 -17.95
N LEU B 165 -1.46 -1.28 -17.35
CA LEU B 165 -0.84 -2.58 -17.54
C LEU B 165 -1.42 -3.60 -16.56
N LEU B 166 -1.39 -4.87 -16.97
CA LEU B 166 -2.05 -5.94 -16.23
C LEU B 166 -1.21 -7.22 -16.23
N ASN B 167 -1.40 -8.02 -15.19
CA ASN B 167 -0.92 -9.39 -15.10
C ASN B 167 -2.08 -10.36 -15.28
N ALA B 168 -1.75 -11.61 -15.61
CA ALA B 168 -2.73 -12.67 -15.44
C ALA B 168 -3.06 -12.86 -13.96
N ASN B 169 -2.13 -12.48 -13.08
CA ASN B 169 -2.38 -12.35 -11.64
C ASN B 169 -3.44 -11.30 -11.32
N CYS B 170 -3.81 -10.46 -12.30
CA CYS B 170 -4.79 -9.36 -12.22
C CYS B 170 -4.27 -8.14 -11.46
N ASP B 171 -2.96 -8.01 -11.25
CA ASP B 171 -2.41 -6.75 -10.76
C ASP B 171 -2.44 -5.72 -11.87
N LEU B 172 -2.83 -4.49 -11.53
CA LEU B 172 -2.89 -3.40 -12.48
C LEU B 172 -1.91 -2.32 -12.08
N LYS B 173 -1.18 -1.79 -13.06
CA LYS B 173 -0.22 -0.73 -12.78
C LYS B 173 -0.30 0.36 -13.83
N ILE B 174 -0.10 1.60 -13.40
CA ILE B 174 -0.21 2.79 -14.25
C ILE B 174 1.15 3.12 -14.84
N CYS B 175 1.15 3.59 -16.09
CA CYS B 175 2.36 4.08 -16.74
C CYS B 175 2.01 5.20 -17.71
N ASP B 176 3.06 5.79 -18.30
CA ASP B 176 2.94 6.83 -19.34
C ASP B 176 2.26 8.09 -18.81
N PHE B 177 2.79 8.63 -17.72
CA PHE B 177 2.28 9.89 -17.19
C PHE B 177 2.45 11.00 -18.21
N GLY B 178 3.70 11.40 -18.44
CA GLY B 178 3.98 12.50 -19.35
C GLY B 178 3.40 13.81 -18.86
N LEU B 179 3.09 14.68 -19.83
CA LEU B 179 2.54 16.01 -19.54
C LEU B 179 2.11 16.69 -20.83
N SER B 186 1.87 24.23 -32.48
CA SER B 186 3.24 24.10 -32.96
C SER B 186 3.61 22.62 -33.10
N ASP B 187 2.79 21.76 -32.50
CA ASP B 187 2.87 20.30 -32.68
C ASP B 187 1.50 19.86 -33.18
N PHE B 188 1.43 19.42 -34.45
CA PHE B 188 0.15 19.15 -35.08
C PHE B 188 -0.50 17.89 -34.52
N MET B 189 0.29 16.85 -34.29
CA MET B 189 -0.27 15.57 -33.85
C MET B 189 -1.00 15.70 -32.52
N THR B 190 -0.37 16.36 -31.53
CA THR B 190 -1.04 16.56 -30.26
C THR B 190 -2.28 17.43 -30.40
N GLU B 191 -2.27 18.35 -31.36
CA GLU B 191 -3.35 19.33 -31.46
C GLU B 191 -4.61 18.75 -32.10
N TYR B 192 -4.46 17.86 -33.10
CA TYR B 192 -5.65 17.52 -33.89
C TYR B 192 -5.87 16.04 -34.23
N VAL B 193 -4.98 15.11 -33.92
CA VAL B 193 -5.11 13.74 -34.43
C VAL B 193 -5.34 12.73 -33.31
N VAL B 194 -4.66 12.87 -32.17
CA VAL B 194 -4.71 11.81 -31.17
C VAL B 194 -6.09 11.73 -30.54
N THR B 195 -6.45 10.55 -30.04
CA THR B 195 -7.76 10.34 -29.47
C THR B 195 -7.93 11.16 -28.19
N ARG B 196 -8.93 12.04 -28.19
CA ARG B 196 -9.31 12.80 -27.00
C ARG B 196 -10.46 12.15 -26.24
N TRP B 197 -10.71 10.86 -26.46
CA TRP B 197 -11.89 10.16 -25.96
C TRP B 197 -11.99 10.09 -24.44
N TYR B 198 -10.95 10.49 -23.70
CA TYR B 198 -10.91 10.37 -22.25
C TYR B 198 -10.56 11.69 -21.59
N ARG B 199 -10.63 12.78 -22.34
CA ARG B 199 -10.19 14.08 -21.87
C ARG B 199 -11.35 14.86 -21.24
N ALA B 200 -11.08 15.52 -20.12
CA ALA B 200 -12.14 16.17 -19.35
C ALA B 200 -12.55 17.48 -20.01
N PRO B 201 -13.77 17.97 -19.72
CA PRO B 201 -14.24 19.19 -20.41
C PRO B 201 -13.33 20.38 -20.22
N GLU B 202 -12.84 20.60 -19.00
CA GLU B 202 -11.95 21.73 -18.78
C GLU B 202 -10.67 21.62 -19.61
N LEU B 203 -10.26 20.41 -19.97
CA LEU B 203 -9.10 20.25 -20.84
C LEU B 203 -9.43 20.53 -22.29
N LEU B 204 -10.64 20.16 -22.74
CA LEU B 204 -11.06 20.50 -24.10
C LEU B 204 -11.28 22.00 -24.25
N LEU B 205 -11.87 22.63 -23.23
CA LEU B 205 -12.15 24.07 -23.26
C LEU B 205 -10.92 24.91 -22.95
N ASN B 206 -9.75 24.28 -22.89
CA ASN B 206 -8.45 24.96 -22.82
C ASN B 206 -8.34 25.92 -21.64
N SER B 207 -8.99 25.58 -20.54
CA SER B 207 -8.71 26.25 -19.28
C SER B 207 -7.30 25.89 -18.81
N SER B 208 -6.88 26.44 -17.67
CA SER B 208 -5.53 26.17 -17.23
C SER B 208 -5.44 26.01 -15.72
N ASP B 209 -6.54 25.62 -15.07
CA ASP B 209 -6.51 25.39 -13.63
C ASP B 209 -6.67 23.92 -13.31
N TYR B 210 -5.89 23.08 -13.97
CA TYR B 210 -6.13 21.64 -13.92
C TYR B 210 -5.76 21.08 -12.55
N THR B 211 -6.65 20.23 -12.02
CA THR B 211 -6.49 19.56 -10.74
C THR B 211 -6.53 18.05 -10.95
N ALA B 212 -6.56 17.30 -9.84
CA ALA B 212 -6.74 15.86 -9.93
C ALA B 212 -8.07 15.49 -10.58
N ALA B 213 -9.00 16.44 -10.66
CA ALA B 213 -10.30 16.15 -11.25
C ALA B 213 -10.21 15.77 -12.72
N ILE B 214 -9.08 16.08 -13.39
CA ILE B 214 -8.97 15.66 -14.79
C ILE B 214 -8.66 14.18 -14.87
N ASP B 215 -8.00 13.62 -13.86
CA ASP B 215 -7.73 12.18 -13.84
C ASP B 215 -9.02 11.41 -13.55
N VAL B 216 -9.78 11.85 -12.55
CA VAL B 216 -11.00 11.15 -12.15
C VAL B 216 -11.94 11.02 -13.32
N TRP B 217 -12.15 12.11 -14.06
CA TRP B 217 -12.96 12.06 -15.28
C TRP B 217 -12.53 10.90 -16.17
N SER B 218 -11.23 10.83 -16.48
CA SER B 218 -10.72 9.75 -17.32
C SER B 218 -11.13 8.40 -16.78
N VAL B 219 -10.94 8.19 -15.47
CA VAL B 219 -11.29 6.92 -14.85
C VAL B 219 -12.74 6.58 -15.12
N GLY B 220 -13.61 7.57 -14.93
CA GLY B 220 -15.03 7.41 -15.24
C GLY B 220 -15.19 6.84 -16.62
N CYS B 221 -14.67 7.54 -17.62
CA CYS B 221 -14.78 7.07 -19.00
C CYS B 221 -14.23 5.67 -19.12
N ILE B 222 -13.02 5.44 -18.59
CA ILE B 222 -12.41 4.13 -18.74
C ILE B 222 -13.32 3.07 -18.17
N PHE B 223 -13.83 3.31 -16.96
CA PHE B 223 -14.65 2.30 -16.33
C PHE B 223 -15.88 2.01 -17.18
N MET B 224 -16.50 3.05 -17.75
CA MET B 224 -17.68 2.80 -18.56
C MET B 224 -17.34 1.94 -19.76
N GLU B 225 -16.20 2.22 -20.40
CA GLU B 225 -15.78 1.38 -21.52
C GLU B 225 -15.58 -0.06 -21.04
N LEU B 226 -14.96 -0.22 -19.87
CA LEU B 226 -14.78 -1.55 -19.31
C LEU B 226 -16.10 -2.28 -19.13
N MET B 227 -17.18 -1.56 -18.84
CA MET B 227 -18.47 -2.22 -18.67
C MET B 227 -19.25 -2.37 -19.97
N ASP B 228 -18.94 -1.59 -21.01
CA ASP B 228 -19.77 -1.57 -22.19
C ASP B 228 -19.05 -2.01 -23.46
N ARG B 229 -17.72 -1.97 -23.47
CA ARG B 229 -16.83 -2.53 -24.49
C ARG B 229 -16.72 -1.65 -25.72
N LYS B 230 -17.44 -0.53 -25.80
CA LYS B 230 -17.12 0.51 -26.76
C LYS B 230 -16.78 1.80 -26.01
N PRO B 231 -15.98 2.68 -26.59
CA PRO B 231 -15.63 3.92 -25.90
C PRO B 231 -16.88 4.72 -25.55
N LEU B 232 -16.82 5.45 -24.43
CA LEU B 232 -17.99 6.20 -23.98
C LEU B 232 -18.21 7.44 -24.85
N PHE B 233 -17.15 8.18 -25.16
CA PHE B 233 -17.24 9.46 -25.88
C PHE B 233 -16.28 9.47 -27.05
N PRO B 234 -16.54 8.69 -28.10
CA PRO B 234 -15.57 8.55 -29.21
C PRO B 234 -15.64 9.67 -30.24
N GLY B 235 -15.18 10.85 -29.86
CA GLY B 235 -15.34 12.02 -30.70
C GLY B 235 -14.40 12.01 -31.91
N ARG B 236 -14.93 12.46 -33.05
CA ARG B 236 -14.10 12.54 -34.25
C ARG B 236 -13.09 13.68 -34.14
N ASP B 237 -13.48 14.78 -33.50
CA ASP B 237 -12.61 15.93 -33.29
C ASP B 237 -13.04 16.62 -32.00
N HIS B 238 -12.43 17.78 -31.72
CA HIS B 238 -12.70 18.52 -30.49
C HIS B 238 -14.18 18.84 -30.35
N VAL B 239 -14.74 19.52 -31.35
CA VAL B 239 -16.13 19.95 -31.28
C VAL B 239 -17.04 18.74 -31.07
N HIS B 240 -16.81 17.68 -31.85
CA HIS B 240 -17.61 16.47 -31.67
C HIS B 240 -17.42 15.86 -30.29
N GLN B 241 -16.20 15.93 -29.75
CA GLN B 241 -15.94 15.42 -28.41
C GLN B 241 -16.81 16.12 -27.38
N LEU B 242 -16.78 17.46 -27.36
CA LEU B 242 -17.65 18.21 -26.45
C LEU B 242 -19.12 17.83 -26.66
N ARG B 243 -19.55 17.80 -27.92
CA ARG B 243 -20.95 17.47 -28.20
C ARG B 243 -21.33 16.12 -27.61
N LEU B 244 -20.42 15.13 -27.70
CA LEU B 244 -20.73 13.81 -27.15
C LEU B 244 -20.80 13.85 -25.63
N LEU B 245 -19.84 14.52 -24.97
CA LEU B 245 -19.90 14.68 -23.52
C LEU B 245 -21.25 15.26 -23.09
N MET B 246 -21.64 16.37 -23.71
CA MET B 246 -22.82 17.08 -23.25
C MET B 246 -24.11 16.39 -23.64
N GLU B 247 -24.11 15.64 -24.74
CA GLU B 247 -25.30 14.85 -25.08
C GLU B 247 -25.64 13.85 -23.99
N LEU B 248 -24.67 13.49 -23.15
CA LEU B 248 -24.92 12.56 -22.05
C LEU B 248 -25.11 13.28 -20.72
N ILE B 249 -24.18 14.14 -20.32
CA ILE B 249 -24.28 14.75 -19.00
C ILE B 249 -25.18 15.98 -18.97
N GLY B 250 -25.49 16.56 -20.12
CA GLY B 250 -26.48 17.62 -20.22
C GLY B 250 -25.89 19.01 -20.06
N THR B 251 -26.73 19.98 -20.42
CA THR B 251 -26.33 21.39 -20.38
C THR B 251 -26.08 21.83 -18.95
N PRO B 252 -24.93 22.45 -18.66
CA PRO B 252 -24.64 22.89 -17.30
C PRO B 252 -25.29 24.22 -16.97
N SER B 253 -25.33 24.53 -15.67
CA SER B 253 -25.85 25.79 -15.18
C SER B 253 -24.77 26.86 -15.20
N GLU B 254 -25.17 28.10 -14.89
CA GLU B 254 -24.19 29.19 -14.87
C GLU B 254 -23.11 28.96 -13.83
N GLU B 255 -23.52 28.49 -12.64
CA GLU B 255 -22.60 28.20 -11.55
C GLU B 255 -21.47 27.28 -12.01
N GLU B 256 -21.82 26.29 -12.83
CA GLU B 256 -20.88 25.29 -13.29
C GLU B 256 -19.98 25.78 -14.43
N LEU B 257 -20.04 27.07 -14.80
CA LEU B 257 -19.09 27.63 -15.75
C LEU B 257 -18.12 28.62 -15.11
N GLU B 258 -18.21 28.87 -13.81
CA GLU B 258 -17.39 29.90 -13.18
C GLU B 258 -15.90 29.60 -13.25
N PHE B 259 -15.50 28.44 -13.76
CA PHE B 259 -14.10 28.04 -13.79
C PHE B 259 -13.45 28.22 -15.16
N LEU B 260 -14.20 28.63 -16.17
CA LEU B 260 -13.66 28.72 -17.52
C LEU B 260 -13.25 30.15 -17.84
N ASN B 261 -12.46 30.28 -18.91
CA ASN B 261 -12.29 31.60 -19.51
C ASN B 261 -13.63 32.07 -20.09
N GLU B 262 -13.69 33.38 -20.38
CA GLU B 262 -14.95 33.98 -20.80
C GLU B 262 -15.35 33.50 -22.19
N ASN B 263 -14.37 33.26 -23.07
CA ASN B 263 -14.70 32.85 -24.44
C ASN B 263 -15.29 31.44 -24.49
N ALA B 264 -14.78 30.53 -23.65
CA ALA B 264 -15.38 29.20 -23.58
C ALA B 264 -16.77 29.25 -22.96
N LYS B 265 -16.98 30.12 -21.99
CA LYS B 265 -18.34 30.34 -21.48
C LYS B 265 -19.27 30.77 -22.60
N ARG B 266 -18.82 31.70 -23.44
CA ARG B 266 -19.64 32.13 -24.58
C ARG B 266 -19.93 30.96 -25.51
N TYR B 267 -18.93 30.14 -25.79
CA TYR B 267 -19.15 28.99 -26.67
C TYR B 267 -20.16 28.03 -26.07
N ILE B 268 -20.04 27.74 -24.76
CA ILE B 268 -20.93 26.79 -24.11
C ILE B 268 -22.37 27.30 -24.12
N ARG B 269 -22.56 28.57 -23.74
CA ARG B 269 -23.91 29.14 -23.77
C ARG B 269 -24.49 29.14 -25.18
N GLN B 270 -23.63 29.31 -26.20
CA GLN B 270 -24.12 29.30 -27.58
C GLN B 270 -24.70 27.94 -27.97
N LEU B 271 -24.31 26.86 -27.30
CA LEU B 271 -24.68 25.52 -27.74
C LEU B 271 -26.17 25.25 -27.52
N PRO B 272 -26.77 24.38 -28.33
CA PRO B 272 -28.17 24.04 -28.11
C PRO B 272 -28.32 23.23 -26.83
N PRO B 273 -29.47 23.33 -26.17
CA PRO B 273 -29.62 22.64 -24.88
C PRO B 273 -29.59 21.13 -25.04
N TYR B 274 -28.90 20.47 -24.12
CA TYR B 274 -28.80 19.01 -24.08
C TYR B 274 -29.39 18.52 -22.78
N PRO B 275 -30.41 17.67 -22.81
CA PRO B 275 -30.93 17.11 -21.56
C PRO B 275 -30.05 15.99 -21.03
N ARG B 276 -29.89 15.97 -19.71
CA ARG B 276 -29.14 14.90 -19.06
C ARG B 276 -29.85 13.57 -19.28
N GLN B 277 -29.15 12.62 -19.89
CA GLN B 277 -29.66 11.27 -20.09
C GLN B 277 -29.39 10.42 -18.86
N SER B 278 -30.36 9.61 -18.50
CA SER B 278 -30.17 8.66 -17.41
C SER B 278 -29.19 7.58 -17.87
N ILE B 279 -28.04 7.51 -17.20
CA ILE B 279 -27.03 6.50 -17.52
C ILE B 279 -27.58 5.09 -17.30
N THR B 280 -28.47 4.94 -16.31
CA THR B 280 -29.03 3.62 -16.01
C THR B 280 -29.77 3.04 -17.21
N ASP B 281 -30.51 3.87 -17.95
CA ASP B 281 -31.26 3.35 -19.08
C ASP B 281 -30.39 3.13 -20.31
N LYS B 282 -29.32 3.91 -20.47
CA LYS B 282 -28.47 3.75 -21.64
C LYS B 282 -27.53 2.56 -21.51
N PHE B 283 -27.17 2.19 -20.29
CA PHE B 283 -26.30 1.04 -20.02
C PHE B 283 -26.99 0.17 -18.98
N PRO B 284 -28.06 -0.53 -19.36
CA PRO B 284 -28.95 -1.13 -18.36
C PRO B 284 -28.35 -2.32 -17.62
N THR B 285 -27.20 -2.84 -18.06
CA THR B 285 -26.64 -4.06 -17.50
C THR B 285 -25.49 -3.79 -16.54
N VAL B 286 -25.30 -2.54 -16.11
CA VAL B 286 -24.17 -2.16 -15.26
C VAL B 286 -24.65 -2.11 -13.81
N HIS B 287 -23.79 -2.55 -12.89
CA HIS B 287 -24.09 -2.56 -11.47
C HIS B 287 -24.61 -1.19 -11.04
N PRO B 288 -25.73 -1.11 -10.31
CA PRO B 288 -26.29 0.20 -9.98
C PRO B 288 -25.38 1.06 -9.10
N LEU B 289 -24.64 0.43 -8.18
CA LEU B 289 -23.67 1.17 -7.38
C LEU B 289 -22.55 1.72 -8.26
N ALA B 290 -22.14 0.95 -9.27
CA ALA B 290 -21.18 1.45 -10.24
C ALA B 290 -21.77 2.63 -11.01
N ILE B 291 -23.05 2.57 -11.36
CA ILE B 291 -23.71 3.70 -12.01
C ILE B 291 -23.61 4.94 -11.13
N ASP B 292 -23.94 4.78 -9.84
CA ASP B 292 -23.87 5.89 -8.91
C ASP B 292 -22.46 6.49 -8.90
N LEU B 293 -21.43 5.63 -8.84
CA LEU B 293 -20.07 6.13 -8.75
C LEU B 293 -19.62 6.81 -10.04
N ILE B 294 -20.07 6.30 -11.19
CA ILE B 294 -19.70 6.89 -12.46
C ILE B 294 -20.32 8.27 -12.62
N GLU B 295 -21.63 8.39 -12.33
CA GLU B 295 -22.29 9.68 -12.43
C GLU B 295 -21.56 10.76 -11.65
N LYS B 296 -20.95 10.40 -10.53
CA LYS B 296 -20.19 11.36 -9.73
C LYS B 296 -18.80 11.62 -10.29
N MET B 297 -18.31 10.80 -11.22
CA MET B 297 -17.05 11.07 -11.88
C MET B 297 -17.23 11.87 -13.16
N LEU B 298 -18.40 11.80 -13.78
CA LEU B 298 -18.68 12.52 -15.03
C LEU B 298 -19.54 13.74 -14.74
N THR B 299 -18.93 14.73 -14.09
CA THR B 299 -19.57 16.01 -13.87
C THR B 299 -18.86 17.08 -14.69
N PHE B 300 -19.63 17.96 -15.30
CA PHE B 300 -19.06 19.05 -16.07
C PHE B 300 -18.14 19.91 -15.20
N ASP B 301 -18.66 20.42 -14.10
CA ASP B 301 -17.86 21.25 -13.19
C ASP B 301 -16.83 20.39 -12.47
N PRO B 302 -15.54 20.74 -12.52
CA PRO B 302 -14.56 20.00 -11.71
C PRO B 302 -14.78 20.14 -10.21
N ARG B 303 -15.31 21.28 -9.74
CA ARG B 303 -15.57 21.44 -8.31
C ARG B 303 -16.54 20.40 -7.80
N ARG B 304 -17.45 19.92 -8.63
CA ARG B 304 -18.48 18.97 -8.26
C ARG B 304 -18.08 17.53 -8.50
N ARG B 305 -16.86 17.30 -8.98
CA ARG B 305 -16.41 15.95 -9.30
C ARG B 305 -15.86 15.28 -8.04
N ILE B 306 -16.22 14.01 -7.87
CA ILE B 306 -15.79 13.25 -6.70
C ILE B 306 -14.27 13.17 -6.65
N THR B 307 -13.72 13.22 -5.44
CA THR B 307 -12.29 13.10 -5.25
C THR B 307 -11.87 11.64 -5.29
N VAL B 308 -10.56 11.40 -5.37
CA VAL B 308 -10.06 10.03 -5.28
C VAL B 308 -10.41 9.43 -3.93
N LEU B 309 -10.29 10.23 -2.86
CA LEU B 309 -10.55 9.73 -1.52
C LEU B 309 -11.99 9.24 -1.40
N ASP B 310 -12.94 10.10 -1.73
CA ASP B 310 -14.35 9.71 -1.65
C ASP B 310 -14.69 8.61 -2.64
N ALA B 311 -13.97 8.53 -3.75
CA ALA B 311 -14.25 7.47 -4.71
C ALA B 311 -13.80 6.12 -4.18
N LEU B 312 -12.67 6.08 -3.48
CA LEU B 312 -12.24 4.85 -2.82
C LEU B 312 -13.20 4.46 -1.70
N ALA B 313 -13.76 5.45 -1.00
CA ALA B 313 -14.73 5.24 0.06
C ALA B 313 -16.14 4.99 -0.46
N HIS B 314 -16.30 4.80 -1.75
CA HIS B 314 -17.65 4.67 -2.29
C HIS B 314 -18.18 3.26 -2.06
N PRO B 315 -19.48 3.10 -1.82
CA PRO B 315 -20.05 1.76 -1.58
C PRO B 315 -19.70 0.72 -2.64
N TYR B 316 -19.39 1.12 -3.88
CA TYR B 316 -19.08 0.12 -4.89
C TYR B 316 -17.72 -0.53 -4.64
N LEU B 317 -16.82 0.18 -3.95
CA LEU B 317 -15.49 -0.34 -3.64
C LEU B 317 -15.36 -0.75 -2.18
N ASN B 318 -16.48 -0.79 -1.44
CA ASN B 318 -16.43 -1.06 0.00
C ASN B 318 -15.76 -2.41 0.29
N SER B 319 -16.03 -3.41 -0.53
CA SER B 319 -15.42 -4.73 -0.32
C SER B 319 -13.90 -4.64 -0.27
N LEU B 320 -13.29 -3.99 -1.26
CA LEU B 320 -11.84 -3.88 -1.31
C LEU B 320 -11.30 -2.69 -0.52
N HIS B 321 -12.13 -1.71 -0.19
CA HIS B 321 -11.64 -0.49 0.43
C HIS B 321 -11.04 -0.79 1.80
N ASP B 322 -9.81 -0.32 2.02
CA ASP B 322 -9.15 -0.37 3.30
C ASP B 322 -8.28 0.87 3.42
N ILE B 323 -8.72 1.84 4.22
CA ILE B 323 -8.03 3.13 4.30
C ILE B 323 -6.58 2.96 4.76
N SER B 324 -6.30 1.93 5.55
CA SER B 324 -4.94 1.72 6.06
C SER B 324 -4.04 1.02 5.06
N ASP B 325 -4.55 0.62 3.88
CA ASP B 325 -3.76 -0.03 2.85
C ASP B 325 -3.74 0.80 1.56
N GLU B 326 -3.97 2.11 1.67
CA GLU B 326 -4.00 3.00 0.50
C GLU B 326 -2.99 4.11 0.78
N PRO B 327 -1.71 3.84 0.62
CA PRO B 327 -0.69 4.81 1.02
C PRO B 327 -0.65 6.01 0.10
N GLU B 328 -0.10 7.09 0.63
CA GLU B 328 0.24 8.30 -0.10
C GLU B 328 1.76 8.39 -0.24
N CYS B 329 2.22 9.46 -0.87
CA CYS B 329 3.63 9.67 -1.12
C CYS B 329 4.19 10.66 -0.12
N THR B 330 5.27 10.28 0.55
CA THR B 330 5.90 11.16 1.54
C THR B 330 6.62 12.31 0.87
N ILE B 331 7.60 11.99 0.03
CA ILE B 331 8.42 13.00 -0.65
C ILE B 331 7.70 13.46 -1.91
N PRO B 332 7.35 14.74 -2.01
CA PRO B 332 6.78 15.25 -3.26
C PRO B 332 7.84 15.30 -4.36
N PHE B 333 7.36 15.33 -5.60
CA PHE B 333 8.23 15.34 -6.76
C PHE B 333 8.56 16.77 -7.17
N ASN B 334 9.74 16.94 -7.77
CA ASN B 334 10.24 18.24 -8.19
C ASN B 334 10.30 18.35 -9.71
N PHE B 335 9.91 19.50 -10.23
CA PHE B 335 10.01 19.81 -11.65
C PHE B 335 11.13 20.81 -11.92
N ASP B 336 12.25 20.65 -11.21
CA ASP B 336 13.35 21.61 -11.36
C ASP B 336 13.99 21.53 -12.74
N PHE B 337 13.89 20.38 -13.40
CA PHE B 337 14.29 20.30 -14.80
C PHE B 337 13.41 21.20 -15.67
N GLU B 338 12.10 21.25 -15.38
CA GLU B 338 11.18 22.08 -16.15
C GLU B 338 11.59 23.55 -16.12
N ASN B 339 12.20 24.01 -15.02
CA ASN B 339 12.62 25.39 -14.91
C ASN B 339 13.96 25.62 -15.62
N HIS B 340 14.97 24.81 -15.30
CA HIS B 340 16.28 24.92 -15.93
C HIS B 340 16.20 24.30 -17.32
N ALA B 341 16.17 25.14 -18.36
CA ALA B 341 16.25 24.66 -19.73
C ALA B 341 17.55 23.88 -19.91
N LEU B 342 17.45 22.55 -19.92
CA LEU B 342 18.63 21.68 -19.91
C LEU B 342 19.08 21.40 -21.33
N SER B 343 20.36 21.62 -21.60
CA SER B 343 20.91 21.30 -22.91
C SER B 343 20.86 19.79 -23.13
N GLU B 344 20.98 19.40 -24.41
CA GLU B 344 20.80 18.01 -24.78
C GLU B 344 21.82 17.10 -24.09
N GLU B 345 23.10 17.44 -24.18
CA GLU B 345 24.15 16.56 -23.67
C GLU B 345 24.26 16.57 -22.15
N GLN B 346 23.73 17.58 -21.46
CA GLN B 346 23.78 17.50 -20.02
C GLN B 346 22.66 16.62 -19.47
N MET B 347 21.50 16.60 -20.14
CA MET B 347 20.53 15.55 -19.87
C MET B 347 21.08 14.19 -20.28
N LYS B 348 21.97 14.16 -21.27
CA LYS B 348 22.74 12.94 -21.54
C LYS B 348 23.48 12.49 -20.30
N GLU B 349 24.22 13.41 -19.69
CA GLU B 349 24.94 13.05 -18.47
C GLU B 349 23.98 12.64 -17.36
N LEU B 350 22.79 13.23 -17.30
CA LEU B 350 21.84 12.87 -16.25
C LEU B 350 21.32 11.43 -16.42
N ILE B 351 20.74 11.14 -17.59
CA ILE B 351 20.27 9.78 -17.87
C ILE B 351 21.40 8.78 -17.68
N TYR B 352 22.56 9.08 -18.26
CA TYR B 352 23.72 8.21 -18.12
C TYR B 352 24.07 7.98 -16.65
N ARG B 353 23.91 9.01 -15.82
CA ARG B 353 24.09 8.82 -14.39
C ARG B 353 23.10 7.81 -13.83
N GLU B 354 21.84 7.89 -14.28
CA GLU B 354 20.83 6.93 -13.79
C GLU B 354 21.17 5.51 -14.22
N ALA B 355 21.44 5.30 -15.51
CA ALA B 355 21.83 3.98 -16.01
C ALA B 355 23.05 3.45 -15.28
N LEU B 356 23.98 4.34 -14.92
CA LEU B 356 25.13 3.90 -14.14
C LEU B 356 24.72 3.51 -12.72
N ALA B 357 23.75 4.23 -12.15
CA ALA B 357 23.26 3.84 -10.83
C ALA B 357 22.63 2.45 -10.87
N PHE B 358 22.00 2.09 -11.99
CA PHE B 358 21.46 0.74 -12.10
C PHE B 358 22.56 -0.29 -12.33
N ASN B 359 23.42 -0.05 -13.33
CA ASN B 359 24.51 -0.98 -13.61
C ASN B 359 25.74 -0.58 -12.80
N PRO B 360 26.03 -1.29 -11.70
CA PRO B 360 27.00 -0.79 -10.73
C PRO B 360 28.41 -0.74 -11.28
N GLU B 361 28.88 -1.86 -11.82
CA GLU B 361 30.20 -1.93 -12.44
C GLU B 361 29.99 -1.80 -13.95
N TYR B 362 30.22 -0.61 -14.47
CA TYR B 362 30.27 -0.39 -15.91
C TYR B 362 31.69 0.05 -16.26
N GLN B 363 32.34 -0.69 -17.15
CA GLN B 363 33.67 -0.30 -17.63
C GLN B 363 33.59 1.12 -18.19
N GLN B 364 33.99 2.09 -17.39
CA GLN B 364 33.89 3.50 -17.75
C GLN B 364 35.17 4.24 -17.40
#